data_6QXS
#
_entry.id   6QXS
#
_cell.length_a   72.040
_cell.length_b   94.840
_cell.length_c   97.000
_cell.angle_alpha   90.00
_cell.angle_beta   94.01
_cell.angle_gamma   90.00
#
_symmetry.space_group_name_H-M   'P 1 21 1'
#
loop_
_entity.id
_entity.type
_entity.pdbx_description
1 polymer 'Thymidylate synthase'
2 polymer 'Thymidylate synthase'
3 non-polymer "5-FLUORO-2'-DEOXYURIDINE-5'-MONOPHOSPHATE"
4 non-polymer 'SULFATE ION'
5 non-polymer 'N-[4-({[(6S)-2-amino-5-formyl-4-oxo-3,4,5,6,7,8-hexahydropteridin-6-yl]methyl}amino)benzoyl]-L-glutamic acid'
6 water water
#
loop_
_entity_poly.entity_id
_entity_poly.type
_entity_poly.pdbx_seq_one_letter_code
_entity_poly.pdbx_strand_id
1 'polypeptide(L)'
;MEEAYLALGKKILEEGHFKEDRTGTGTYSLFGYQMRFDLAKGFPLLTTKRVPFGLIKSELLWFLKGDTNIRYLLERNNHI
WDEWAFERYVKSADYQGPDMTDFGHRVLQDPAFAEQYKEEHQKFCDAILNDAEFAEKYGELGNIYGAQWRHWETKDGSFI
DQLANVIEMIKTNPDSRRLIVSAWNPEDVPSMALPP(CME)HTMFQFYVNEGKLSCQLYQRSADVFLGVPFNIASYALLT
HLIAHETGLEVGEFVHTLGDAHLYQNHVEQMQEQLSREVRSFPTLVLNPDKASVFDFDMEDIKVEGYDPHPTIKAPIAV
;
A
2 'polypeptide(L)'
;MEEAYLALGKKILEEGHFKEDRTGTGTYSLFGYQMRFDLAKGFPLLTTKRVPFGLIKSELLWFLKGDTNIRYLLERNNHI
WDEWAFERYVKSADYQGPDMTDFGHRVLQDPAFAEQYKEEHQKFCDAILNDAEFAEKYGELGNIYGAQWRHWETKDGSFI
DQLANVIEMIKTNPDSRRLIVSAWNPEDVPSMALPPCHTMFQFYVNEGKLSCQLYQRSADVFLGVPFNIASYALLTHLIA
HETGLEVGEFVHTLGDAHLYQNHVEQMQEQLSREVRSFPTLVLNPDKASVFDFDMEDIKVEGYDPHPTIKAPIAV
;
B,C,D
#
# COMPACT_ATOMS: atom_id res chain seq x y z
N MET A 1 -6.50 -2.44 38.15
CA MET A 1 -5.51 -2.65 39.22
C MET A 1 -4.14 -2.74 38.56
N GLU A 2 -3.04 -2.50 39.30
CA GLU A 2 -1.73 -2.91 38.82
C GLU A 2 -1.73 -4.39 38.41
N GLU A 3 -2.33 -5.26 39.22
CA GLU A 3 -2.35 -6.69 38.95
C GLU A 3 -3.03 -7.00 37.61
N ALA A 4 -3.80 -6.02 37.08
CA ALA A 4 -4.42 -6.18 35.77
C ALA A 4 -3.34 -6.13 34.70
N TYR A 5 -2.31 -5.27 34.90
CA TYR A 5 -1.24 -5.14 33.92
C TYR A 5 -0.35 -6.37 33.99
N LEU A 6 -0.21 -6.93 35.19
CA LEU A 6 0.74 -8.01 35.41
C LEU A 6 0.15 -9.28 34.81
N ALA A 7 -1.20 -9.35 34.81
CA ALA A 7 -1.89 -10.45 34.17
C ALA A 7 -1.51 -10.51 32.69
N LEU A 8 -1.33 -9.33 32.07
CA LEU A 8 -1.10 -9.23 30.64
C LEU A 8 0.32 -9.70 30.30
N GLY A 9 1.30 -9.32 31.13
CA GLY A 9 2.68 -9.78 30.95
C GLY A 9 2.79 -11.29 31.09
N LYS A 10 2.07 -11.83 32.10
CA LYS A 10 1.97 -13.26 32.37
C LYS A 10 1.25 -13.95 31.21
N LYS A 11 0.14 -13.38 30.72
CA LYS A 11 -0.54 -14.10 29.66
C LYS A 11 0.36 -14.22 28.42
N ILE A 12 1.17 -13.19 28.16
CA ILE A 12 1.93 -13.17 26.94
C ILE A 12 3.03 -14.24 27.02
N LEU A 13 3.65 -14.40 28.19
CA LEU A 13 4.67 -15.42 28.39
C LEU A 13 4.06 -16.82 28.30
N GLU A 14 2.81 -16.93 28.72
CA GLU A 14 2.15 -18.23 28.73
C GLU A 14 1.69 -18.63 27.32
N GLU A 15 1.03 -17.72 26.58
CA GLU A 15 0.33 -18.12 25.36
C GLU A 15 0.53 -17.19 24.16
N GLY A 16 1.37 -16.16 24.32
CA GLY A 16 1.65 -15.24 23.24
C GLY A 16 2.27 -15.96 22.05
N HIS A 17 1.90 -15.51 20.82
CA HIS A 17 2.36 -16.07 19.55
C HIS A 17 3.69 -15.44 19.14
N PHE A 18 4.69 -16.28 18.82
CA PHE A 18 6.02 -15.81 18.47
C PHE A 18 6.05 -15.41 17.00
N LYS A 19 6.69 -14.26 16.72
CA LYS A 19 6.85 -13.72 15.37
C LYS A 19 8.22 -13.08 15.21
N GLU A 20 8.89 -13.41 14.10
CA GLU A 20 10.19 -12.90 13.70
C GLU A 20 10.01 -12.21 12.34
N ASP A 21 10.55 -10.99 12.20
CA ASP A 21 10.18 -10.11 11.11
C ASP A 21 11.37 -9.79 10.21
N ARG A 22 11.20 -8.76 9.35
CA ARG A 22 12.14 -8.34 8.31
C ARG A 22 13.41 -7.73 8.91
N THR A 23 13.35 -7.39 10.21
CA THR A 23 14.45 -6.73 10.90
C THR A 23 15.20 -7.75 11.76
N GLY A 24 14.56 -8.90 12.03
CA GLY A 24 15.11 -9.93 12.88
C GLY A 24 14.54 -9.96 14.31
N THR A 25 13.72 -8.96 14.63
CA THR A 25 13.15 -8.84 15.97
C THR A 25 12.10 -9.92 16.20
N GLY A 26 12.28 -10.68 17.29
CA GLY A 26 11.32 -11.65 17.80
C GLY A 26 10.38 -11.02 18.83
N THR A 27 9.11 -11.45 18.81
CA THR A 27 8.06 -10.91 19.66
C THR A 27 7.05 -12.01 19.95
N TYR A 28 6.55 -12.02 21.18
CA TYR A 28 5.38 -12.79 21.58
C TYR A 28 4.24 -11.81 21.81
N SER A 29 3.10 -12.03 21.15
CA SER A 29 2.01 -11.06 21.12
C SER A 29 0.68 -11.79 21.27
N LEU A 30 -0.36 -11.02 21.65
CA LEU A 30 -1.77 -11.39 21.57
C LEU A 30 -2.59 -10.25 20.94
N PHE A 31 -3.87 -10.51 20.62
CA PHE A 31 -4.67 -9.53 19.89
C PHE A 31 -6.03 -9.26 20.53
N GLY A 32 -6.19 -8.04 21.04
CA GLY A 32 -7.40 -7.64 21.73
C GLY A 32 -7.21 -7.78 23.23
N TYR A 33 -7.13 -6.65 23.93
CA TYR A 33 -6.95 -6.77 25.35
C TYR A 33 -7.46 -5.53 26.05
N GLN A 34 -8.27 -5.71 27.11
CA GLN A 34 -8.79 -4.57 27.88
C GLN A 34 -8.29 -4.58 29.35
N MET A 35 -7.76 -3.44 29.80
CA MET A 35 -7.43 -3.25 31.23
C MET A 35 -8.24 -2.09 31.80
N ARG A 36 -8.53 -2.12 33.10
CA ARG A 36 -9.19 -0.98 33.71
C ARG A 36 -8.34 -0.44 34.83
N PHE A 37 -8.34 0.89 34.98
CA PHE A 37 -7.71 1.51 36.14
C PHE A 37 -8.70 2.46 36.82
N ASP A 38 -9.15 2.13 38.03
CA ASP A 38 -9.99 3.01 38.83
C ASP A 38 -9.11 4.06 39.52
N LEU A 39 -9.19 5.30 39.03
CA LEU A 39 -8.25 6.35 39.38
C LEU A 39 -8.58 6.93 40.75
N ALA A 40 -9.63 6.43 41.40
CA ALA A 40 -9.91 6.86 42.76
C ALA A 40 -9.10 6.00 43.73
N LYS A 41 -8.59 4.86 43.25
CA LYS A 41 -7.75 3.94 44.00
C LYS A 41 -6.28 4.36 43.99
N GLY A 42 -5.94 5.35 43.17
CA GLY A 42 -4.59 5.89 43.10
C GLY A 42 -4.12 5.99 41.65
N PHE A 43 -3.24 6.96 41.40
CA PHE A 43 -2.70 7.24 40.08
C PHE A 43 -1.79 6.10 39.58
N PRO A 44 -2.06 5.54 38.37
CA PRO A 44 -1.46 4.29 37.90
C PRO A 44 -0.01 4.29 37.42
N LEU A 45 0.91 4.69 38.31
CA LEU A 45 2.36 4.58 38.17
C LEU A 45 2.81 3.22 38.69
N LEU A 46 3.34 2.34 37.83
CA LEU A 46 3.68 0.96 38.23
C LEU A 46 4.68 0.92 39.39
N THR A 47 4.35 0.14 40.44
CA THR A 47 5.17 0.07 41.64
C THR A 47 6.15 -1.09 41.51
N THR A 48 5.84 -2.02 40.60
CA THR A 48 6.64 -3.23 40.45
C THR A 48 7.99 -2.93 39.80
N LYS A 49 8.17 -1.66 39.44
CA LYS A 49 9.40 -1.15 38.86
C LYS A 49 9.20 0.35 38.79
N ARG A 50 10.23 1.11 39.18
CA ARG A 50 10.24 2.55 38.98
C ARG A 50 9.83 2.89 37.55
N VAL A 51 8.91 3.84 37.40
CA VAL A 51 8.49 4.44 36.15
C VAL A 51 8.72 5.95 36.32
N PRO A 52 9.64 6.56 35.54
CA PRO A 52 9.98 7.97 35.71
C PRO A 52 8.88 8.95 35.28
N PHE A 53 8.37 9.73 36.23
CA PHE A 53 7.17 10.52 36.01
C PHE A 53 7.52 11.84 35.33
N GLY A 54 8.81 12.21 35.38
CA GLY A 54 9.25 13.50 34.83
C GLY A 54 9.01 13.66 33.33
N LEU A 55 9.39 12.64 32.56
CA LEU A 55 9.39 12.62 31.10
C LEU A 55 7.96 12.51 30.56
N ILE A 56 7.09 11.80 31.29
CA ILE A 56 5.72 11.54 30.92
C ILE A 56 4.96 12.85 31.00
N LYS A 57 5.27 13.65 32.03
CA LYS A 57 4.54 14.88 32.25
C LYS A 57 5.03 15.99 31.32
N SER A 58 6.33 16.02 31.03
CA SER A 58 6.85 16.95 30.02
C SER A 58 6.28 16.61 28.65
N GLU A 59 6.28 15.33 28.29
CA GLU A 59 5.72 14.86 27.03
C GLU A 59 4.24 15.22 26.93
N LEU A 60 3.44 14.91 27.96
CA LEU A 60 2.00 15.14 27.84
C LEU A 60 1.66 16.63 27.87
N LEU A 61 2.37 17.43 28.67
CA LEU A 61 2.21 18.89 28.66
C LEU A 61 2.57 19.48 27.28
N TRP A 62 3.57 18.86 26.63
CA TRP A 62 3.97 19.21 25.28
C TRP A 62 2.83 18.88 24.32
N PHE A 63 2.23 17.69 24.46
CA PHE A 63 1.16 17.29 23.58
C PHE A 63 0.00 18.26 23.71
N LEU A 64 -0.31 18.65 24.96
CA LEU A 64 -1.52 19.38 25.30
C LEU A 64 -1.44 20.83 24.84
N LYS A 65 -0.21 21.33 24.63
CA LYS A 65 0.01 22.74 24.30
C LYS A 65 0.13 22.93 22.78
N GLY A 66 -0.07 21.85 22.02
CA GLY A 66 -0.11 21.89 20.57
C GLY A 66 1.27 21.76 19.94
N ASP A 67 2.29 22.10 20.72
CA ASP A 67 3.68 22.09 20.32
C ASP A 67 4.06 20.82 19.53
N THR A 68 4.83 21.04 18.44
CA THR A 68 5.49 19.98 17.69
C THR A 68 6.98 20.34 17.54
N ASN A 69 7.45 21.21 18.44
CA ASN A 69 8.86 21.60 18.39
C ASN A 69 9.51 21.31 19.74
N ILE A 70 10.74 20.78 19.67
CA ILE A 70 11.39 20.10 20.79
C ILE A 70 12.02 21.07 21.77
N ARG A 71 12.20 22.33 21.39
CA ARG A 71 12.59 23.38 22.34
C ARG A 71 11.97 23.16 23.73
N TYR A 72 10.64 23.01 23.81
CA TYR A 72 9.94 22.87 25.09
C TYR A 72 10.50 21.68 25.86
N LEU A 73 10.70 20.58 25.14
CA LEU A 73 11.06 19.31 25.75
C LEU A 73 12.49 19.45 26.28
N LEU A 74 13.31 20.16 25.50
CA LEU A 74 14.72 20.35 25.81
C LEU A 74 14.84 21.23 27.05
N GLU A 75 14.08 22.34 27.12
CA GLU A 75 14.04 23.19 28.30
C GLU A 75 13.79 22.38 29.58
N ARG A 76 13.24 21.17 29.43
CA ARG A 76 12.75 20.37 30.55
C ARG A 76 13.50 19.04 30.73
N ASN A 77 14.46 18.76 29.83
CA ASN A 77 15.38 17.63 29.99
C ASN A 77 14.77 16.34 29.48
N ASN A 78 13.79 16.51 28.60
CA ASN A 78 13.09 15.43 27.93
C ASN A 78 13.69 15.25 26.53
N HIS A 79 14.50 14.19 26.37
CA HIS A 79 15.17 13.96 25.10
C HIS A 79 14.41 12.96 24.22
N ILE A 80 13.24 12.48 24.67
CA ILE A 80 12.60 11.36 24.00
C ILE A 80 12.61 11.55 22.49
N TRP A 81 12.33 12.77 22.01
CA TRP A 81 12.06 13.05 20.60
C TRP A 81 13.18 13.84 19.92
N ASP A 82 14.43 13.67 20.36
CA ASP A 82 15.55 14.36 19.75
C ASP A 82 15.83 13.81 18.35
N GLU A 83 15.68 12.48 18.19
CA GLU A 83 16.39 11.71 17.18
C GLU A 83 16.03 12.13 15.75
N TRP A 84 14.74 12.27 15.44
CA TRP A 84 14.37 12.66 14.09
C TRP A 84 14.81 14.10 13.76
N ALA A 85 15.04 14.92 14.80
CA ALA A 85 15.39 16.32 14.64
C ALA A 85 16.87 16.45 14.31
N PHE A 86 17.67 15.57 14.92
CA PHE A 86 19.12 15.57 14.78
C PHE A 86 19.52 14.88 13.48
N GLU A 87 18.73 13.88 13.08
CA GLU A 87 18.89 13.18 11.81
C GLU A 87 18.77 14.20 10.69
N ARG A 88 17.68 14.98 10.69
CA ARG A 88 17.39 15.93 9.62
C ARG A 88 18.46 17.02 9.53
N TYR A 89 19.03 17.42 10.67
CA TYR A 89 20.01 18.48 10.65
C TYR A 89 21.34 17.98 10.11
N VAL A 90 21.70 16.73 10.41
CA VAL A 90 22.94 16.13 9.94
C VAL A 90 22.96 16.02 8.42
N LYS A 91 21.77 16.08 7.78
CA LYS A 91 21.60 15.92 6.33
C LYS A 91 21.48 17.28 5.64
N SER A 92 21.23 18.33 6.45
CA SER A 92 21.02 19.70 6.00
C SER A 92 22.32 20.37 5.53
N ALA A 93 22.15 21.58 4.97
CA ALA A 93 23.17 22.37 4.30
C ALA A 93 24.15 23.01 5.27
N ASP A 94 23.73 23.38 6.48
CA ASP A 94 24.64 24.06 7.40
C ASP A 94 25.13 23.15 8.54
N TYR A 95 25.88 22.12 8.17
CA TYR A 95 26.55 21.25 9.12
C TYR A 95 28.00 21.03 8.66
N GLN A 96 28.95 21.07 9.61
CA GLN A 96 30.34 20.70 9.41
C GLN A 96 30.73 19.49 10.26
N GLY A 97 30.60 18.29 9.68
CA GLY A 97 30.73 17.02 10.41
C GLY A 97 32.18 16.71 10.73
N GLU A 119 28.81 13.87 21.09
CA GLU A 119 29.67 15.08 21.17
C GLU A 119 29.02 16.23 20.40
N GLU A 120 28.37 15.91 19.27
CA GLU A 120 27.80 16.88 18.33
C GLU A 120 26.29 17.05 18.58
N HIS A 121 25.68 16.04 19.21
CA HIS A 121 24.29 16.07 19.63
C HIS A 121 24.09 17.08 20.75
N GLN A 122 25.17 17.36 21.49
CA GLN A 122 25.11 18.33 22.63
C GLN A 122 25.21 19.76 22.10
N LYS A 123 25.72 19.93 20.88
CA LYS A 123 25.88 21.25 20.26
C LYS A 123 24.62 21.64 19.47
N PHE A 124 23.95 20.63 18.89
CA PHE A 124 22.65 20.82 18.27
C PHE A 124 21.63 21.25 19.32
N CYS A 125 21.64 20.57 20.49
CA CYS A 125 20.69 20.77 21.57
C CYS A 125 20.82 22.19 22.11
N ASP A 126 22.07 22.65 22.23
CA ASP A 126 22.38 23.97 22.75
C ASP A 126 21.91 25.03 21.74
N ALA A 127 22.07 24.69 20.46
CA ALA A 127 21.60 25.51 19.36
C ALA A 127 20.10 25.74 19.48
N ILE A 128 19.34 24.66 19.72
CA ILE A 128 17.89 24.66 19.76
C ILE A 128 17.38 25.53 20.91
N LEU A 129 18.19 25.60 21.98
CA LEU A 129 17.80 26.22 23.24
C LEU A 129 18.01 27.74 23.23
N ASN A 130 19.02 28.23 22.51
CA ASN A 130 19.49 29.60 22.71
C ASN A 130 19.18 30.50 21.52
N ASP A 131 19.18 29.92 20.31
CA ASP A 131 18.97 30.65 19.08
C ASP A 131 17.56 30.35 18.57
N ALA A 132 16.64 31.30 18.80
CA ALA A 132 15.23 31.13 18.47
C ALA A 132 15.05 30.83 16.97
N GLU A 133 15.88 31.46 16.13
CA GLU A 133 15.78 31.32 14.68
C GLU A 133 16.13 29.90 14.24
N PHE A 134 17.12 29.29 14.92
CA PHE A 134 17.63 27.97 14.60
C PHE A 134 16.58 26.91 14.91
N ALA A 135 15.73 27.20 15.90
CA ALA A 135 14.77 26.25 16.43
C ALA A 135 13.53 26.14 15.53
N GLU A 136 13.02 27.29 15.07
CA GLU A 136 11.83 27.39 14.23
C GLU A 136 12.20 26.81 12.87
N LYS A 137 13.38 26.17 12.80
CA LYS A 137 13.93 25.58 11.60
C LYS A 137 14.39 24.14 11.84
N TYR A 138 14.86 23.79 13.05
CA TYR A 138 15.57 22.53 13.17
C TYR A 138 15.03 21.64 14.30
N GLY A 139 14.23 22.22 15.19
CA GLY A 139 13.62 21.44 16.26
C GLY A 139 12.19 21.00 15.94
N GLU A 140 11.76 21.29 14.71
CA GLU A 140 10.38 21.06 14.29
C GLU A 140 10.21 19.61 13.83
N LEU A 141 9.31 18.87 14.51
CA LEU A 141 8.84 17.60 13.99
C LEU A 141 7.50 17.87 13.32
N GLY A 142 7.18 17.08 12.29
CA GLY A 142 6.04 17.45 11.46
C GLY A 142 4.71 17.04 12.08
N ASN A 143 4.23 15.87 11.67
CA ASN A 143 2.92 15.37 12.05
C ASN A 143 3.07 14.42 13.24
N ILE A 144 2.76 14.93 14.45
CA ILE A 144 2.81 14.16 15.70
C ILE A 144 1.63 14.55 16.59
N TYR A 145 1.59 13.99 17.80
CA TYR A 145 0.45 14.07 18.70
C TYR A 145 -0.02 15.51 18.89
N GLY A 146 0.93 16.44 19.03
CA GLY A 146 0.60 17.84 19.18
C GLY A 146 -0.18 18.36 17.98
N ALA A 147 0.24 17.96 16.78
CA ALA A 147 -0.47 18.30 15.55
C ALA A 147 -1.81 17.59 15.51
N GLN A 148 -1.88 16.33 15.94
CA GLN A 148 -3.10 15.54 15.77
C GLN A 148 -4.21 15.94 16.74
N TRP A 149 -3.82 16.31 17.96
CA TRP A 149 -4.77 16.66 19.01
C TRP A 149 -5.27 18.10 18.85
N ARG A 150 -4.44 18.99 18.31
CA ARG A 150 -4.84 20.40 18.35
C ARG A 150 -4.89 21.07 16.98
N HIS A 151 -4.64 20.35 15.86
CA HIS A 151 -4.39 20.96 14.55
C HIS A 151 -4.58 19.96 13.41
N TRP A 152 -5.80 19.48 13.19
CA TRP A 152 -6.09 18.55 12.11
C TRP A 152 -6.46 19.34 10.87
N GLU A 153 -5.68 19.22 9.81
CA GLU A 153 -5.84 20.06 8.63
C GLU A 153 -7.03 19.55 7.83
N THR A 154 -7.91 20.47 7.44
CA THR A 154 -9.07 20.16 6.62
C THR A 154 -8.70 20.47 5.18
N LYS A 155 -9.64 20.23 4.26
CA LYS A 155 -9.25 20.31 2.87
C LYS A 155 -8.95 21.76 2.48
N ASP A 156 -9.75 22.67 3.05
CA ASP A 156 -9.72 24.08 2.64
C ASP A 156 -8.47 24.78 3.20
N GLY A 157 -7.83 24.17 4.20
CA GLY A 157 -6.65 24.76 4.83
C GLY A 157 -6.88 25.06 6.31
N SER A 158 -8.13 24.88 6.77
CA SER A 158 -8.47 25.10 8.17
C SER A 158 -7.96 23.96 9.03
N PHE A 159 -8.27 24.21 10.22
CA PHE A 159 -7.74 23.26 11.16
C PHE A 159 -8.80 22.91 12.17
N ILE A 160 -8.82 21.68 12.64
CA ILE A 160 -9.79 21.35 13.69
C ILE A 160 -9.03 21.08 14.99
N ASP A 161 -9.48 21.68 16.08
CA ASP A 161 -8.88 21.49 17.39
C ASP A 161 -9.72 20.51 18.18
N GLN A 162 -9.61 19.23 17.83
CA GLN A 162 -10.39 18.17 18.47
C GLN A 162 -10.42 18.34 19.98
N LEU A 163 -9.24 18.28 20.60
CA LEU A 163 -9.13 18.34 22.06
C LEU A 163 -9.94 19.52 22.57
N ALA A 164 -9.66 20.72 22.08
CA ALA A 164 -10.45 21.84 22.51
C ALA A 164 -11.95 21.50 22.40
N ASN A 165 -12.46 21.24 21.18
CA ASN A 165 -13.90 21.12 20.97
C ASN A 165 -14.47 20.11 21.96
N VAL A 166 -13.67 19.08 22.27
CA VAL A 166 -14.17 18.01 23.10
C VAL A 166 -14.25 18.50 24.55
N ILE A 167 -13.33 19.41 24.93
CA ILE A 167 -13.34 20.02 26.25
C ILE A 167 -14.63 20.82 26.36
N GLU A 168 -14.92 21.57 25.31
CA GLU A 168 -16.14 22.37 25.22
C GLU A 168 -17.36 21.46 25.29
N MET A 169 -17.26 20.30 24.62
CA MET A 169 -18.34 19.33 24.55
C MET A 169 -18.65 18.75 25.94
N ILE A 170 -17.60 18.51 26.72
CA ILE A 170 -17.81 17.92 28.01
C ILE A 170 -18.53 18.91 28.91
N LYS A 171 -18.16 20.19 28.79
CA LYS A 171 -18.68 21.22 29.66
C LYS A 171 -20.19 21.37 29.46
N THR A 172 -20.59 21.48 28.19
CA THR A 172 -21.94 21.85 27.81
C THR A 172 -22.81 20.62 27.64
N ASN A 173 -22.22 19.48 27.31
CA ASN A 173 -22.99 18.33 26.90
C ASN A 173 -22.35 17.06 27.44
N PRO A 174 -22.29 16.87 28.78
CA PRO A 174 -21.57 15.74 29.36
C PRO A 174 -22.07 14.36 28.88
N ASP A 175 -23.32 14.31 28.40
CA ASP A 175 -23.94 13.03 28.13
C ASP A 175 -23.60 12.55 26.72
N SER A 176 -22.86 13.37 25.98
CA SER A 176 -22.55 13.09 24.59
C SER A 176 -21.79 11.77 24.45
N ARG A 177 -22.08 11.04 23.36
CA ARG A 177 -21.39 9.79 23.09
C ARG A 177 -20.38 9.98 21.96
N ARG A 178 -20.00 11.24 21.73
CA ARG A 178 -19.19 11.63 20.58
C ARG A 178 -17.87 12.24 21.05
N LEU A 179 -17.48 12.00 22.32
CA LEU A 179 -16.35 12.69 22.92
C LEU A 179 -15.02 12.08 22.45
N ILE A 180 -14.71 12.25 21.14
CA ILE A 180 -13.62 11.52 20.48
C ILE A 180 -12.49 12.45 20.04
N VAL A 181 -11.24 11.96 20.20
CA VAL A 181 -10.00 12.47 19.62
C VAL A 181 -9.29 11.37 18.84
N SER A 182 -9.00 11.64 17.57
CA SER A 182 -8.35 10.67 16.73
C SER A 182 -7.02 11.27 16.30
N ALA A 183 -6.03 10.40 16.17
CA ALA A 183 -4.69 10.75 15.72
C ALA A 183 -4.42 9.94 14.45
N TRP A 184 -5.48 9.34 13.87
CA TRP A 184 -5.38 8.50 12.69
C TRP A 184 -5.97 9.14 11.41
N ASN A 185 -5.10 9.65 10.53
CA ASN A 185 -5.44 10.19 9.22
C ASN A 185 -4.83 9.29 8.14
N PRO A 186 -5.66 8.58 7.35
CA PRO A 186 -5.15 7.65 6.34
C PRO A 186 -4.33 8.31 5.22
N GLU A 187 -4.53 9.61 5.03
CA GLU A 187 -3.76 10.36 4.04
C GLU A 187 -2.32 10.52 4.52
N ASP A 188 -2.14 10.67 5.85
CA ASP A 188 -0.90 11.13 6.45
C ASP A 188 -0.02 9.94 6.81
N VAL A 189 -0.64 8.85 7.29
CA VAL A 189 0.03 7.65 7.79
C VAL A 189 1.04 7.03 6.80
N PRO A 190 0.75 6.76 5.50
CA PRO A 190 1.71 6.07 4.63
C PRO A 190 3.04 6.80 4.50
N SER A 191 3.04 8.11 4.69
CA SER A 191 4.23 8.93 4.47
C SER A 191 4.92 9.33 5.78
N MET A 192 4.33 9.02 6.93
CA MET A 192 4.93 9.47 8.17
C MET A 192 5.83 8.39 8.80
N ALA A 193 7.00 8.86 9.27
CA ALA A 193 8.05 8.02 9.82
C ALA A 193 7.52 7.18 10.96
N LEU A 194 6.79 7.82 11.88
CA LEU A 194 6.32 7.23 13.14
C LEU A 194 4.79 7.26 13.19
N PRO A 195 4.07 6.32 12.52
CA PRO A 195 2.59 6.34 12.55
C PRO A 195 2.16 6.12 13.98
N PRO A 196 1.04 6.75 14.40
CA PRO A 196 0.74 6.89 15.81
C PRO A 196 0.23 5.59 16.44
N HIS A 198 -1.02 5.46 19.52
CA HIS A 198 -2.19 5.79 20.30
C HIS A 198 -3.23 6.37 19.36
N THR A 199 -4.11 5.50 18.88
CA THR A 199 -4.77 5.78 17.62
C THR A 199 -5.97 6.68 17.84
N MET A 200 -6.78 6.37 18.85
CA MET A 200 -7.87 7.28 19.23
C MET A 200 -8.27 7.02 20.69
N PHE A 201 -9.05 7.97 21.26
CA PHE A 201 -9.48 7.83 22.64
C PHE A 201 -10.80 8.54 22.84
N GLN A 202 -11.55 8.06 23.82
CA GLN A 202 -12.90 8.51 24.06
C GLN A 202 -13.07 8.81 25.56
N PHE A 203 -13.62 10.00 25.79
CA PHE A 203 -14.18 10.41 27.08
C PHE A 203 -15.66 10.04 27.19
N TYR A 204 -16.06 9.87 28.45
CA TYR A 204 -17.40 9.58 28.88
C TYR A 204 -17.56 10.16 30.28
N VAL A 205 -18.75 10.72 30.55
CA VAL A 205 -19.04 11.38 31.81
C VAL A 205 -20.31 10.79 32.41
N ASN A 206 -20.25 10.49 33.73
CA ASN A 206 -21.39 10.07 34.53
C ASN A 206 -21.13 10.27 36.03
N GLU A 207 -22.18 10.73 36.72
CA GLU A 207 -22.18 10.99 38.15
C GLU A 207 -20.99 11.87 38.53
N GLY A 208 -20.64 12.84 37.66
CA GLY A 208 -19.65 13.86 37.95
C GLY A 208 -18.23 13.32 37.83
N LYS A 209 -18.09 12.09 37.32
CA LYS A 209 -16.78 11.49 37.14
C LYS A 209 -16.42 11.49 35.66
N LEU A 210 -15.12 11.68 35.35
CA LEU A 210 -14.66 11.66 33.97
C LEU A 210 -13.86 10.40 33.71
N SER A 211 -14.27 9.65 32.69
CA SER A 211 -13.56 8.45 32.30
C SER A 211 -12.96 8.59 30.90
N CYS A 212 -11.94 7.77 30.59
CA CYS A 212 -11.23 7.77 29.31
C CYS A 212 -10.86 6.34 28.89
N GLN A 213 -11.28 5.92 27.67
CA GLN A 213 -10.79 4.69 27.07
C GLN A 213 -9.82 5.01 25.92
N LEU A 214 -8.64 4.35 25.88
CA LEU A 214 -7.63 4.55 24.84
C LEU A 214 -7.56 3.31 23.97
N TYR A 215 -7.95 3.45 22.70
CA TYR A 215 -7.64 2.40 21.77
C TYR A 215 -6.22 2.55 21.21
N GLN A 216 -5.34 1.60 21.55
CA GLN A 216 -3.95 1.62 21.07
C GLN A 216 -3.61 0.39 20.21
N ARG A 217 -3.22 0.67 18.95
CA ARG A 217 -3.18 -0.30 17.86
C ARG A 217 -1.98 -1.22 18.02
N SER A 218 -0.98 -0.72 18.77
CA SER A 218 0.28 -1.45 18.87
C SER A 218 0.99 -1.15 20.18
N ALA A 219 1.34 -2.22 20.89
CA ALA A 219 1.64 -2.03 22.29
C ALA A 219 2.91 -2.78 22.65
N ASP A 220 3.93 -2.03 23.08
CA ASP A 220 5.17 -2.57 23.63
C ASP A 220 4.99 -2.84 25.12
N VAL A 221 4.75 -4.10 25.49
CA VAL A 221 4.25 -4.43 26.82
C VAL A 221 5.23 -4.15 27.97
N PHE A 222 6.50 -4.56 27.89
CA PHE A 222 7.34 -4.28 29.04
C PHE A 222 7.68 -2.80 29.13
N LEU A 223 8.03 -2.19 27.99
CA LEU A 223 8.59 -0.84 27.95
C LEU A 223 7.51 0.21 27.71
N GLY A 224 6.72 0.07 26.65
CA GLY A 224 5.75 1.08 26.27
C GLY A 224 4.61 1.24 27.28
N VAL A 225 3.94 0.13 27.61
CA VAL A 225 2.64 0.08 28.28
C VAL A 225 2.64 0.81 29.63
N PRO A 226 3.69 0.68 30.49
CA PRO A 226 3.75 1.47 31.72
C PRO A 226 3.66 2.96 31.43
N PHE A 227 4.63 3.51 30.68
CA PHE A 227 4.60 4.90 30.24
C PHE A 227 3.21 5.29 29.73
N ASN A 228 2.64 4.45 28.88
CA ASN A 228 1.36 4.72 28.26
C ASN A 228 0.28 4.90 29.33
N ILE A 229 0.13 3.96 30.28
CA ILE A 229 -0.92 4.04 31.29
C ILE A 229 -0.83 5.34 32.07
N ALA A 230 0.38 5.77 32.42
CA ALA A 230 0.53 7.00 33.19
C ALA A 230 0.15 8.24 32.35
N SER A 231 0.51 8.27 31.06
CA SER A 231 0.24 9.46 30.26
C SER A 231 -1.26 9.73 30.19
N TYR A 232 -2.00 8.68 29.82
CA TYR A 232 -3.43 8.79 29.60
C TYR A 232 -4.22 8.99 30.90
N ALA A 233 -3.67 8.47 32.02
CA ALA A 233 -4.26 8.75 33.33
C ALA A 233 -4.06 10.21 33.76
N LEU A 234 -2.87 10.77 33.44
CA LEU A 234 -2.55 12.17 33.68
C LEU A 234 -3.49 13.06 32.91
N LEU A 235 -3.64 12.77 31.61
CA LEU A 235 -4.57 13.50 30.73
C LEU A 235 -5.99 13.51 31.29
N THR A 236 -6.49 12.33 31.74
CA THR A 236 -7.82 12.14 32.33
C THR A 236 -8.01 13.06 33.53
N HIS A 237 -6.97 13.17 34.36
CA HIS A 237 -6.91 14.07 35.49
C HIS A 237 -6.88 15.54 35.06
N LEU A 238 -6.11 15.87 34.01
CA LEU A 238 -5.96 17.26 33.57
C LEU A 238 -7.28 17.74 33.01
N ILE A 239 -7.82 17.02 32.00
CA ILE A 239 -9.16 17.27 31.45
C ILE A 239 -10.21 17.35 32.57
N ALA A 240 -10.24 16.35 33.47
CA ALA A 240 -11.12 16.37 34.62
C ALA A 240 -11.06 17.73 35.32
N HIS A 241 -9.84 18.16 35.68
CA HIS A 241 -9.56 19.36 36.44
C HIS A 241 -10.05 20.62 35.70
N GLU A 242 -9.83 20.66 34.38
CA GLU A 242 -10.19 21.74 33.47
C GLU A 242 -11.70 21.89 33.29
N THR A 243 -12.44 20.77 33.27
CA THR A 243 -13.88 20.80 33.05
C THR A 243 -14.60 20.71 34.39
N GLY A 244 -13.78 20.77 35.47
CA GLY A 244 -14.19 20.74 36.87
C GLY A 244 -15.02 19.50 37.18
N LEU A 245 -14.37 18.33 37.21
CA LEU A 245 -15.04 17.06 37.44
C LEU A 245 -14.17 16.17 38.31
N GLU A 246 -14.72 15.05 38.80
CA GLU A 246 -13.97 14.03 39.51
C GLU A 246 -13.42 13.03 38.51
N VAL A 247 -12.33 12.35 38.84
CA VAL A 247 -11.92 11.32 37.88
C VAL A 247 -12.70 10.03 38.16
N GLY A 248 -12.94 9.24 37.09
CA GLY A 248 -13.51 7.90 37.12
C GLY A 248 -12.47 6.85 36.72
N GLU A 249 -12.76 6.04 35.68
CA GLU A 249 -11.78 5.05 35.26
C GLU A 249 -11.08 5.43 33.96
N PHE A 250 -9.82 4.99 33.81
CA PHE A 250 -9.19 4.91 32.50
C PHE A 250 -9.12 3.45 32.00
N VAL A 251 -9.75 3.21 30.84
CA VAL A 251 -9.86 1.90 30.24
C VAL A 251 -8.88 1.83 29.08
N HIS A 252 -7.95 0.87 29.14
CA HIS A 252 -6.88 0.76 28.16
C HIS A 252 -7.11 -0.47 27.28
N THR A 253 -7.39 -0.24 25.98
CA THR A 253 -7.70 -1.29 25.02
C THR A 253 -6.59 -1.44 24.00
N LEU A 254 -6.18 -2.67 23.70
CA LEU A 254 -5.01 -2.92 22.86
C LEU A 254 -5.43 -3.68 21.61
N GLY A 255 -4.84 -3.29 20.47
CA GLY A 255 -4.80 -4.13 19.29
C GLY A 255 -3.74 -5.21 19.45
N ASP A 256 -2.71 -5.15 18.61
CA ASP A 256 -1.56 -6.04 18.68
C ASP A 256 -0.65 -5.68 19.87
N ALA A 257 -0.66 -6.56 20.90
CA ALA A 257 0.08 -6.35 22.15
C ALA A 257 1.23 -7.35 22.28
N HIS A 258 2.47 -6.82 22.15
CA HIS A 258 3.66 -7.63 21.95
C HIS A 258 4.70 -7.49 23.08
N LEU A 259 5.21 -8.63 23.55
CA LEU A 259 6.37 -8.68 24.43
C LEU A 259 7.59 -9.01 23.60
N TYR A 260 8.57 -8.10 23.61
CA TYR A 260 9.77 -8.26 22.83
C TYR A 260 10.57 -9.41 23.43
N GLN A 261 11.18 -10.22 22.56
CA GLN A 261 11.86 -11.46 22.89
C GLN A 261 12.94 -11.24 23.95
N ASN A 262 13.64 -10.10 23.91
CA ASN A 262 14.67 -9.84 24.91
C ASN A 262 14.17 -8.78 25.91
N HIS A 263 12.88 -8.90 26.27
CA HIS A 263 12.28 -8.30 27.45
C HIS A 263 11.71 -9.37 28.39
N VAL A 264 11.94 -10.66 28.08
CA VAL A 264 11.25 -11.75 28.75
C VAL A 264 11.72 -11.95 30.19
N GLU A 265 13.05 -11.98 30.39
CA GLU A 265 13.69 -12.10 31.70
C GLU A 265 13.27 -10.94 32.60
N GLN A 266 13.33 -9.72 32.08
CA GLN A 266 12.78 -8.58 32.77
C GLN A 266 11.36 -8.88 33.28
N MET A 267 10.47 -9.31 32.36
CA MET A 267 9.07 -9.52 32.72
C MET A 267 9.00 -10.53 33.87
N GLN A 268 9.76 -11.63 33.77
CA GLN A 268 9.77 -12.62 34.84
C GLN A 268 10.16 -12.00 36.18
N GLU A 269 11.22 -11.18 36.18
CA GLU A 269 11.69 -10.52 37.41
C GLU A 269 10.58 -9.64 38.00
N GLN A 270 9.81 -8.98 37.13
CA GLN A 270 8.78 -8.05 37.58
C GLN A 270 7.64 -8.84 38.23
N LEU A 271 7.38 -10.04 37.69
CA LEU A 271 6.27 -10.87 38.12
C LEU A 271 6.55 -11.50 39.49
N SER A 272 7.81 -11.50 39.94
CA SER A 272 8.08 -11.99 41.28
C SER A 272 7.72 -10.96 42.36
N ARG A 273 7.96 -9.67 42.11
CA ARG A 273 7.81 -8.61 43.08
C ARG A 273 6.35 -8.47 43.51
N GLU A 274 6.16 -8.15 44.80
CA GLU A 274 4.87 -7.91 45.42
C GLU A 274 4.40 -6.52 45.05
N VAL A 275 3.08 -6.38 44.83
CA VAL A 275 2.36 -5.16 44.50
C VAL A 275 2.23 -4.22 45.71
N ARG A 276 2.57 -2.94 45.50
CA ARG A 276 2.40 -1.89 46.50
C ARG A 276 1.31 -0.92 46.05
N SER A 277 0.72 -0.18 46.99
CA SER A 277 -0.29 0.81 46.62
C SER A 277 0.29 1.86 45.70
N PHE A 278 -0.51 2.31 44.72
CA PHE A 278 -0.17 3.38 43.79
C PHE A 278 0.06 4.67 44.59
N PRO A 279 0.79 5.68 44.08
CA PRO A 279 0.81 7.00 44.73
C PRO A 279 -0.44 7.82 44.38
N THR A 280 -0.40 9.10 44.79
CA THR A 280 -1.55 9.99 44.74
C THR A 280 -1.13 11.29 44.06
N LEU A 281 -1.86 11.64 42.99
CA LEU A 281 -1.50 12.74 42.12
C LEU A 281 -1.97 14.05 42.74
N VAL A 282 -1.06 14.99 42.96
CA VAL A 282 -1.54 16.25 43.49
C VAL A 282 -1.32 17.34 42.45
N LEU A 283 -2.45 17.93 42.01
CA LEU A 283 -2.45 19.04 41.06
C LEU A 283 -2.60 20.37 41.81
N ASN A 284 -2.11 21.46 41.21
CA ASN A 284 -2.01 22.73 41.92
C ASN A 284 -3.31 23.49 41.76
N PRO A 285 -4.03 23.75 42.88
CA PRO A 285 -5.38 24.32 42.82
C PRO A 285 -5.47 25.82 42.48
N ASP A 286 -4.34 26.52 42.62
CA ASP A 286 -4.28 27.97 42.46
C ASP A 286 -4.07 28.35 40.99
N LYS A 287 -4.30 27.39 40.08
CA LYS A 287 -4.21 27.61 38.63
C LYS A 287 -5.51 27.09 38.01
N ALA A 288 -6.26 27.94 37.29
CA ALA A 288 -7.56 27.57 36.71
C ALA A 288 -7.42 26.72 35.44
N SER A 289 -6.74 27.22 34.41
CA SER A 289 -6.61 26.40 33.20
C SER A 289 -5.38 25.50 33.28
N VAL A 290 -5.45 24.30 32.68
CA VAL A 290 -4.32 23.36 32.64
C VAL A 290 -3.49 23.72 31.43
N PHE A 291 -3.94 24.75 30.71
CA PHE A 291 -3.22 25.24 29.55
C PHE A 291 -2.09 26.17 30.00
N ASP A 292 -2.10 26.61 31.27
CA ASP A 292 -0.96 27.33 31.84
C ASP A 292 -0.22 26.47 32.88
N PHE A 293 -0.40 25.16 32.82
CA PHE A 293 0.30 24.23 33.70
C PHE A 293 1.76 24.02 33.25
N ASP A 294 2.69 23.96 34.21
CA ASP A 294 4.08 23.57 33.94
C ASP A 294 4.43 22.43 34.88
N MET A 295 5.68 21.99 34.78
CA MET A 295 6.20 20.86 35.53
C MET A 295 5.85 20.96 37.02
N GLU A 296 5.88 22.17 37.59
CA GLU A 296 5.75 22.39 39.03
C GLU A 296 4.30 22.22 39.51
N ASP A 297 3.36 22.18 38.56
CA ASP A 297 1.94 22.17 38.89
C ASP A 297 1.38 20.75 38.94
N ILE A 298 2.25 19.74 38.65
CA ILE A 298 1.92 18.31 38.68
C ILE A 298 2.99 17.59 39.49
N LYS A 299 2.61 17.04 40.65
CA LYS A 299 3.53 16.29 41.51
C LYS A 299 2.86 14.98 41.92
N VAL A 300 3.69 14.01 42.34
CA VAL A 300 3.21 12.70 42.75
C VAL A 300 3.71 12.44 44.18
N GLU A 301 2.74 12.22 45.09
CA GLU A 301 3.01 11.96 46.51
C GLU A 301 2.85 10.48 46.85
N GLY A 302 3.75 10.02 47.73
CA GLY A 302 3.69 8.65 48.23
C GLY A 302 4.01 7.62 47.15
N TYR A 303 5.01 7.93 46.32
CA TYR A 303 5.50 6.98 45.33
C TYR A 303 6.69 6.22 45.90
N ASP A 304 6.54 4.89 45.96
CA ASP A 304 7.47 4.00 46.62
C ASP A 304 7.64 2.74 45.79
N PRO A 305 8.21 2.81 44.56
CA PRO A 305 8.34 1.63 43.71
C PRO A 305 9.53 0.73 44.02
N HIS A 306 9.44 -0.52 43.54
CA HIS A 306 10.56 -1.45 43.48
C HIS A 306 11.64 -0.85 42.56
N PRO A 307 12.92 -1.32 42.59
CA PRO A 307 13.95 -0.74 41.74
C PRO A 307 13.66 -0.88 40.23
N THR A 308 14.21 0.06 39.45
CA THR A 308 14.22 0.02 38.00
C THR A 308 14.61 -1.37 37.49
N ILE A 309 14.04 -1.78 36.36
CA ILE A 309 14.51 -2.97 35.67
C ILE A 309 15.04 -2.50 34.31
N LYS A 310 16.37 -2.48 34.15
CA LYS A 310 17.02 -1.98 32.94
C LYS A 310 16.76 -2.95 31.80
N ALA A 311 16.58 -2.43 30.57
CA ALA A 311 16.10 -3.19 29.42
C ALA A 311 16.36 -2.45 28.12
N PRO A 312 16.91 -3.13 27.07
CA PRO A 312 17.34 -2.45 25.85
C PRO A 312 16.16 -1.96 25.00
N ILE A 313 16.18 -0.68 24.59
CA ILE A 313 15.09 -0.08 23.83
C ILE A 313 15.18 -0.52 22.35
N MET B 1 -18.59 -15.98 21.77
CA MET B 1 -19.69 -16.82 22.31
C MET B 1 -21.00 -16.03 22.41
N GLU B 2 -22.13 -16.66 22.09
CA GLU B 2 -23.37 -15.95 22.27
C GLU B 2 -23.47 -15.50 23.73
N GLU B 3 -23.16 -16.40 24.67
CA GLU B 3 -23.26 -16.07 26.09
C GLU B 3 -22.58 -14.72 26.41
N ALA B 4 -21.47 -14.39 25.74
CA ALA B 4 -20.76 -13.13 25.92
C ALA B 4 -21.62 -11.88 25.69
N TYR B 5 -22.41 -11.86 24.59
CA TYR B 5 -23.31 -10.76 24.24
C TYR B 5 -24.43 -10.66 25.27
N LEU B 6 -24.97 -11.83 25.65
CA LEU B 6 -26.01 -11.93 26.65
C LEU B 6 -25.51 -11.41 28.00
N ALA B 7 -24.27 -11.77 28.39
CA ALA B 7 -23.65 -11.35 29.63
C ALA B 7 -23.51 -9.81 29.69
N LEU B 8 -23.17 -9.20 28.55
CA LEU B 8 -23.09 -7.75 28.52
C LEU B 8 -24.48 -7.16 28.81
N GLY B 9 -25.48 -7.55 28.00
CA GLY B 9 -26.86 -7.10 28.19
C GLY B 9 -27.32 -7.27 29.65
N LYS B 10 -26.96 -8.42 30.24
CA LYS B 10 -27.37 -8.64 31.61
C LYS B 10 -26.68 -7.60 32.49
N LYS B 11 -25.40 -7.36 32.22
CA LYS B 11 -24.61 -6.51 33.10
C LYS B 11 -25.10 -5.08 33.00
N ILE B 12 -25.55 -4.68 31.80
CA ILE B 12 -26.03 -3.31 31.66
C ILE B 12 -27.32 -3.16 32.47
N LEU B 13 -28.23 -4.15 32.33
CA LEU B 13 -29.48 -4.21 33.06
C LEU B 13 -29.21 -4.10 34.55
N GLU B 14 -28.22 -4.87 35.02
CA GLU B 14 -28.05 -5.09 36.43
C GLU B 14 -27.24 -3.95 37.05
N GLU B 15 -26.21 -3.45 36.35
CA GLU B 15 -25.36 -2.43 36.98
C GLU B 15 -25.11 -1.21 36.09
N GLY B 16 -26.01 -0.95 35.13
CA GLY B 16 -25.85 0.22 34.27
C GLY B 16 -26.35 1.49 34.95
N HIS B 17 -25.56 2.57 34.84
CA HIS B 17 -26.00 3.88 35.30
C HIS B 17 -27.03 4.48 34.34
N PHE B 18 -28.05 5.10 34.91
CA PHE B 18 -29.04 5.72 34.07
C PHE B 18 -28.46 7.01 33.50
N LYS B 19 -28.82 7.28 32.24
CA LYS B 19 -28.17 8.29 31.43
C LYS B 19 -29.14 8.85 30.38
N GLU B 20 -29.17 10.18 30.29
CA GLU B 20 -29.90 10.88 29.25
C GLU B 20 -29.02 10.81 28.01
N ASP B 21 -29.65 10.71 26.84
CA ASP B 21 -28.95 10.61 25.58
C ASP B 21 -29.58 11.58 24.57
N ARG B 22 -28.83 11.85 23.50
CA ARG B 22 -29.11 12.79 22.42
C ARG B 22 -30.55 12.67 21.91
N THR B 23 -31.21 11.54 22.17
CA THR B 23 -32.53 11.25 21.63
C THR B 23 -33.61 11.49 22.69
N GLY B 24 -33.19 11.74 23.93
CA GLY B 24 -34.09 12.04 25.01
C GLY B 24 -34.94 10.84 25.45
N THR B 25 -34.48 9.64 25.14
CA THR B 25 -35.25 8.44 25.41
C THR B 25 -34.96 7.90 26.81
N GLY B 26 -33.67 7.95 27.22
CA GLY B 26 -33.20 7.36 28.46
C GLY B 26 -32.55 5.98 28.27
N THR B 27 -31.35 5.83 28.85
CA THR B 27 -30.54 4.63 28.66
C THR B 27 -29.92 4.17 29.97
N TYR B 28 -29.56 2.88 29.98
CA TYR B 28 -28.68 2.30 30.99
C TYR B 28 -27.41 1.88 30.27
N SER B 29 -26.27 2.20 30.89
CA SER B 29 -25.02 2.37 30.17
C SER B 29 -23.84 2.00 31.04
N LEU B 30 -22.85 1.35 30.39
CA LEU B 30 -21.49 1.21 30.90
C LEU B 30 -20.51 1.89 29.95
N PHE B 31 -19.29 2.13 30.45
CA PHE B 31 -18.17 2.57 29.62
C PHE B 31 -17.03 1.56 29.69
N GLY B 32 -16.57 1.13 28.51
CA GLY B 32 -15.52 0.14 28.43
C GLY B 32 -16.02 -1.30 28.59
N TYR B 33 -15.99 -2.04 27.46
CA TYR B 33 -16.29 -3.46 27.36
C TYR B 33 -15.53 -4.05 26.17
N GLN B 34 -15.31 -5.38 26.24
CA GLN B 34 -14.74 -6.20 25.17
C GLN B 34 -15.36 -7.59 25.24
N MET B 35 -15.79 -8.14 24.08
CA MET B 35 -16.24 -9.53 23.94
C MET B 35 -15.50 -10.17 22.76
N ARG B 36 -15.26 -11.48 22.82
CA ARG B 36 -14.59 -12.19 21.72
C ARG B 36 -15.52 -13.22 21.06
N PHE B 37 -15.53 -13.29 19.73
CA PHE B 37 -16.26 -14.37 19.07
C PHE B 37 -15.31 -15.22 18.24
N ASP B 38 -15.19 -16.52 18.55
CA ASP B 38 -14.42 -17.44 17.70
C ASP B 38 -15.27 -17.84 16.51
N LEU B 39 -14.82 -17.47 15.31
CA LEU B 39 -15.62 -17.61 14.10
C LEU B 39 -15.57 -19.07 13.60
N ALA B 40 -14.61 -19.82 14.16
CA ALA B 40 -14.50 -21.23 13.84
C ALA B 40 -15.63 -21.97 14.52
N LYS B 41 -16.15 -21.37 15.59
CA LYS B 41 -17.17 -22.02 16.39
C LYS B 41 -18.58 -21.62 15.96
N GLY B 42 -18.76 -21.11 14.73
CA GLY B 42 -20.07 -20.78 14.18
C GLY B 42 -20.16 -19.31 13.77
N PHE B 43 -21.03 -19.01 12.80
CA PHE B 43 -21.24 -17.63 12.41
C PHE B 43 -22.16 -16.92 13.42
N PRO B 44 -21.65 -15.88 14.12
CA PRO B 44 -22.31 -15.35 15.31
C PRO B 44 -23.58 -14.59 15.00
N LEU B 45 -24.58 -15.25 14.41
CA LEU B 45 -25.88 -14.62 14.23
C LEU B 45 -26.79 -15.08 15.37
N LEU B 46 -27.34 -14.13 16.14
CA LEU B 46 -27.93 -14.43 17.44
C LEU B 46 -29.08 -15.42 17.36
N THR B 47 -29.13 -16.38 18.29
CA THR B 47 -30.08 -17.48 18.29
C THR B 47 -31.15 -17.31 19.37
N THR B 48 -30.93 -16.35 20.28
CA THR B 48 -31.89 -16.08 21.35
C THR B 48 -32.99 -15.14 20.84
N LYS B 49 -32.85 -14.67 19.59
CA LYS B 49 -33.83 -13.89 18.86
C LYS B 49 -33.50 -13.95 17.36
N ARG B 50 -34.52 -14.08 16.51
CA ARG B 50 -34.27 -14.01 15.08
C ARG B 50 -33.67 -12.63 14.78
N VAL B 51 -32.58 -12.65 14.02
CA VAL B 51 -31.95 -11.47 13.44
C VAL B 51 -31.99 -11.64 11.93
N PRO B 52 -32.36 -10.63 11.11
CA PRO B 52 -32.53 -10.82 9.67
C PRO B 52 -31.23 -10.60 8.90
N PHE B 53 -30.62 -11.73 8.50
CA PHE B 53 -29.29 -11.79 7.91
C PHE B 53 -29.31 -11.08 6.56
N GLY B 54 -30.48 -11.12 5.91
CA GLY B 54 -30.63 -10.41 4.65
C GLY B 54 -30.25 -8.94 4.82
N LEU B 55 -30.89 -8.27 5.80
CA LEU B 55 -30.69 -6.85 6.07
C LEU B 55 -29.22 -6.54 6.43
N ILE B 56 -28.61 -7.40 7.26
CA ILE B 56 -27.20 -7.26 7.60
C ILE B 56 -26.40 -7.37 6.30
N LYS B 57 -26.82 -8.29 5.43
CA LYS B 57 -26.01 -8.72 4.30
C LYS B 57 -25.95 -7.58 3.30
N SER B 58 -27.04 -6.82 3.22
CA SER B 58 -27.26 -5.85 2.15
C SER B 58 -26.85 -4.45 2.62
N GLU B 59 -26.81 -4.25 3.96
CA GLU B 59 -26.22 -3.05 4.53
C GLU B 59 -24.70 -3.08 4.33
N LEU B 60 -24.10 -4.26 4.55
CA LEU B 60 -22.67 -4.39 4.35
C LEU B 60 -22.31 -4.21 2.88
N LEU B 61 -23.04 -4.87 1.98
CA LEU B 61 -22.78 -4.71 0.56
C LEU B 61 -22.80 -3.23 0.23
N TRP B 62 -23.77 -2.52 0.85
CA TRP B 62 -23.97 -1.09 0.65
C TRP B 62 -22.74 -0.32 1.10
N PHE B 63 -22.21 -0.71 2.28
CA PHE B 63 -20.95 -0.15 2.75
C PHE B 63 -19.85 -0.38 1.71
N LEU B 64 -19.72 -1.63 1.23
CA LEU B 64 -18.57 -2.06 0.43
C LEU B 64 -18.53 -1.38 -0.93
N LYS B 65 -19.68 -0.99 -1.50
CA LYS B 65 -19.58 -0.33 -2.79
C LYS B 65 -19.53 1.21 -2.63
N GLY B 66 -19.17 1.67 -1.41
CA GLY B 66 -18.93 3.07 -1.12
C GLY B 66 -20.16 3.96 -0.96
N ASP B 67 -21.36 3.35 -1.09
CA ASP B 67 -22.62 4.05 -1.29
C ASP B 67 -23.14 4.68 0.02
N THR B 68 -23.65 5.91 -0.05
CA THR B 68 -24.18 6.57 1.14
C THR B 68 -25.64 6.96 1.00
N ASN B 69 -26.26 6.62 -0.16
CA ASN B 69 -27.65 6.93 -0.49
C ASN B 69 -28.57 5.73 -0.23
N ILE B 70 -29.69 5.96 0.48
CA ILE B 70 -30.45 4.82 0.98
C ILE B 70 -31.28 4.15 -0.10
N ARG B 71 -31.28 4.68 -1.35
CA ARG B 71 -32.05 4.11 -2.45
C ARG B 71 -31.66 2.66 -2.67
N TYR B 72 -30.37 2.36 -2.51
CA TYR B 72 -29.88 1.01 -2.72
C TYR B 72 -30.50 0.06 -1.70
N LEU B 73 -30.61 0.54 -0.45
CA LEU B 73 -31.17 -0.23 0.65
C LEU B 73 -32.67 -0.39 0.41
N LEU B 74 -33.31 0.64 -0.15
CA LEU B 74 -34.74 0.56 -0.41
C LEU B 74 -35.00 -0.49 -1.48
N GLU B 75 -34.09 -0.60 -2.47
CA GLU B 75 -34.30 -1.45 -3.62
C GLU B 75 -34.35 -2.90 -3.14
N ARG B 76 -33.58 -3.19 -2.10
CA ARG B 76 -33.40 -4.51 -1.53
C ARG B 76 -34.22 -4.66 -0.25
N ASN B 77 -35.11 -3.66 -0.02
CA ASN B 77 -36.22 -3.76 0.90
C ASN B 77 -35.75 -3.71 2.35
N ASN B 78 -34.76 -2.86 2.59
CA ASN B 78 -34.09 -2.63 3.86
C ASN B 78 -34.45 -1.20 4.28
N HIS B 79 -35.21 -1.06 5.35
CA HIS B 79 -35.54 0.28 5.81
C HIS B 79 -34.74 0.69 7.07
N ILE B 80 -33.60 0.07 7.34
CA ILE B 80 -33.08 0.25 8.69
C ILE B 80 -32.44 1.63 8.85
N TRP B 81 -32.19 2.30 7.70
CA TRP B 81 -31.57 3.63 7.69
C TRP B 81 -32.55 4.77 7.41
N ASP B 82 -33.85 4.51 7.24
CA ASP B 82 -34.77 5.52 6.69
C ASP B 82 -34.89 6.77 7.55
N GLU B 83 -34.91 6.60 8.87
CA GLU B 83 -35.45 7.63 9.74
C GLU B 83 -34.59 8.90 9.62
N TRP B 84 -33.28 8.69 9.47
CA TRP B 84 -32.33 9.80 9.49
C TRP B 84 -32.41 10.56 8.16
N ALA B 85 -32.67 9.83 7.08
CA ALA B 85 -32.97 10.45 5.80
C ALA B 85 -34.33 11.16 5.85
N PHE B 86 -35.32 10.53 6.51
CA PHE B 86 -36.62 11.16 6.69
C PHE B 86 -36.56 12.43 7.54
N GLU B 87 -35.70 12.45 8.58
CA GLU B 87 -35.50 13.61 9.46
C GLU B 87 -34.92 14.80 8.67
N ARG B 88 -33.86 14.52 7.89
CA ARG B 88 -33.24 15.54 7.07
C ARG B 88 -34.31 16.18 6.19
N TYR B 89 -35.14 15.33 5.57
CA TYR B 89 -36.18 15.72 4.63
C TYR B 89 -37.22 16.65 5.28
N VAL B 90 -37.75 16.23 6.45
CA VAL B 90 -38.84 16.97 7.05
C VAL B 90 -38.35 18.35 7.50
N LYS B 91 -37.05 18.42 7.88
CA LYS B 91 -36.42 19.62 8.41
C LYS B 91 -35.97 20.56 7.28
N SER B 92 -36.13 20.16 6.01
CA SER B 92 -35.78 20.98 4.86
C SER B 92 -37.00 21.79 4.38
N ALA B 93 -36.74 22.76 3.48
CA ALA B 93 -37.74 23.68 2.96
C ALA B 93 -38.70 22.97 2.02
N ASP B 94 -38.26 21.82 1.49
CA ASP B 94 -39.01 21.11 0.46
C ASP B 94 -40.16 20.30 1.08
N TYR B 95 -40.27 20.26 2.39
CA TYR B 95 -41.29 19.39 2.95
C TYR B 95 -42.46 20.21 3.46
N GLN B 96 -43.62 19.94 2.85
CA GLN B 96 -44.83 20.64 3.23
C GLN B 96 -45.93 19.66 3.63
N GLY B 97 -45.57 18.53 4.27
CA GLY B 97 -46.56 17.65 4.87
C GLY B 97 -46.97 18.13 6.27
N PRO B 98 -47.69 17.29 7.06
CA PRO B 98 -47.91 17.55 8.49
C PRO B 98 -46.64 17.62 9.33
N ASP B 99 -46.70 18.39 10.42
CA ASP B 99 -45.52 18.62 11.26
C ASP B 99 -44.96 17.32 11.81
N MET B 100 -43.61 17.21 11.83
CA MET B 100 -42.91 15.98 12.20
C MET B 100 -41.84 16.17 13.29
N THR B 101 -41.83 17.32 13.99
CA THR B 101 -40.85 17.53 15.06
C THR B 101 -41.08 16.51 16.18
N ASP B 102 -40.03 15.73 16.46
CA ASP B 102 -39.95 14.75 17.53
C ASP B 102 -40.69 13.44 17.21
N PHE B 103 -40.83 13.11 15.91
CA PHE B 103 -41.60 11.96 15.44
C PHE B 103 -41.13 10.66 16.09
N GLY B 104 -39.85 10.61 16.49
CA GLY B 104 -39.26 9.40 17.04
C GLY B 104 -40.06 8.84 18.21
N HIS B 105 -40.54 9.78 19.04
CA HIS B 105 -41.24 9.54 20.29
C HIS B 105 -42.75 9.63 20.10
N ARG B 106 -43.21 10.51 19.20
CA ARG B 106 -44.64 10.76 19.09
C ARG B 106 -45.38 9.58 18.48
N VAL B 107 -44.71 8.74 17.66
CA VAL B 107 -45.38 7.62 17.01
C VAL B 107 -45.57 6.48 18.01
N LEU B 108 -44.90 6.57 19.17
CA LEU B 108 -45.10 5.69 20.30
C LEU B 108 -46.29 6.18 21.14
N GLN B 109 -46.43 7.52 21.28
CA GLN B 109 -47.42 8.16 22.13
C GLN B 109 -48.83 8.12 21.50
N ASP B 110 -49.00 8.81 20.35
CA ASP B 110 -50.29 9.09 19.72
C ASP B 110 -50.53 8.20 18.50
N PRO B 111 -51.54 7.29 18.53
CA PRO B 111 -51.91 6.47 17.36
C PRO B 111 -52.35 7.17 16.07
N ALA B 112 -53.05 8.30 16.19
CA ALA B 112 -53.43 9.09 15.02
C ALA B 112 -52.18 9.64 14.32
N PHE B 113 -51.23 10.17 15.11
CA PHE B 113 -49.98 10.74 14.63
C PHE B 113 -49.13 9.71 13.90
N ALA B 114 -49.12 8.47 14.42
CA ALA B 114 -48.40 7.37 13.78
C ALA B 114 -49.00 7.01 12.41
N GLU B 115 -50.29 7.29 12.18
CA GLU B 115 -50.85 7.13 10.85
C GLU B 115 -50.36 8.26 9.95
N GLN B 116 -50.32 9.48 10.52
CA GLN B 116 -49.81 10.61 9.77
C GLN B 116 -48.39 10.31 9.32
N TYR B 117 -47.58 9.79 10.25
CA TYR B 117 -46.19 9.43 10.00
C TYR B 117 -46.09 8.31 8.97
N LYS B 118 -46.82 7.22 9.23
CA LYS B 118 -46.82 6.05 8.35
C LYS B 118 -47.05 6.48 6.92
N GLU B 119 -47.91 7.47 6.69
CA GLU B 119 -48.22 7.93 5.34
C GLU B 119 -47.01 8.65 4.75
N GLU B 120 -46.53 9.68 5.46
CA GLU B 120 -45.50 10.58 4.97
C GLU B 120 -44.22 9.81 4.70
N HIS B 121 -43.98 8.79 5.52
CA HIS B 121 -42.76 8.01 5.42
C HIS B 121 -42.81 7.17 4.16
N GLN B 122 -44.00 6.61 3.92
CA GLN B 122 -44.34 5.85 2.72
C GLN B 122 -44.08 6.71 1.48
N LYS B 123 -44.62 7.93 1.49
CA LYS B 123 -44.47 8.79 0.34
C LYS B 123 -42.98 9.08 0.10
N PHE B 124 -42.24 9.36 1.18
CA PHE B 124 -40.80 9.57 1.16
C PHE B 124 -40.10 8.41 0.44
N CYS B 125 -40.40 7.19 0.89
CA CYS B 125 -39.83 5.97 0.34
C CYS B 125 -40.06 5.88 -1.17
N ASP B 126 -41.33 6.02 -1.59
CA ASP B 126 -41.70 5.94 -2.99
C ASP B 126 -41.04 7.04 -3.82
N ALA B 127 -41.03 8.29 -3.32
CA ALA B 127 -40.29 9.36 -3.96
C ALA B 127 -38.81 9.02 -4.16
N ILE B 128 -38.13 8.48 -3.13
CA ILE B 128 -36.73 8.08 -3.24
C ILE B 128 -36.56 7.03 -4.33
N LEU B 129 -37.48 6.06 -4.37
CA LEU B 129 -37.38 4.89 -5.23
C LEU B 129 -37.56 5.27 -6.71
N ASN B 130 -38.15 6.41 -7.03
CA ASN B 130 -38.66 6.63 -8.38
C ASN B 130 -38.23 7.95 -9.02
N ASP B 131 -38.18 9.04 -8.24
CA ASP B 131 -37.65 10.32 -8.70
C ASP B 131 -36.14 10.39 -8.41
N ALA B 132 -35.33 10.42 -9.46
CA ALA B 132 -33.88 10.38 -9.33
C ALA B 132 -33.37 11.61 -8.59
N GLU B 133 -33.94 12.78 -8.93
CA GLU B 133 -33.54 14.05 -8.36
C GLU B 133 -33.83 14.08 -6.86
N PHE B 134 -35.01 13.59 -6.47
CA PHE B 134 -35.39 13.47 -5.07
C PHE B 134 -34.36 12.62 -4.31
N ALA B 135 -34.16 11.40 -4.84
CA ALA B 135 -33.19 10.42 -4.39
C ALA B 135 -31.81 11.03 -4.17
N GLU B 136 -31.37 11.85 -5.13
CA GLU B 136 -30.07 12.50 -5.11
C GLU B 136 -30.00 13.48 -3.94
N LYS B 137 -31.13 14.15 -3.65
CA LYS B 137 -31.17 15.17 -2.62
C LYS B 137 -31.49 14.57 -1.26
N TYR B 138 -32.47 13.66 -1.19
CA TYR B 138 -32.99 13.24 0.11
C TYR B 138 -32.68 11.78 0.49
N GLY B 139 -31.93 11.06 -0.34
CA GLY B 139 -31.46 9.73 0.02
C GLY B 139 -30.05 9.75 0.62
N GLU B 140 -29.38 10.90 0.52
CA GLU B 140 -27.98 11.08 0.87
C GLU B 140 -27.82 11.37 2.37
N LEU B 141 -26.97 10.59 3.05
CA LEU B 141 -26.86 10.71 4.51
C LEU B 141 -25.53 11.35 4.89
N GLY B 142 -24.73 11.71 3.88
CA GLY B 142 -23.42 12.31 4.10
C GLY B 142 -22.29 11.28 4.09
N ASN B 143 -21.09 11.75 4.44
CA ASN B 143 -19.88 10.96 4.23
C ASN B 143 -19.76 9.94 5.36
N ILE B 144 -20.79 9.09 5.52
CA ILE B 144 -20.76 7.98 6.46
C ILE B 144 -19.97 6.81 5.86
N TYR B 145 -20.22 5.61 6.39
CA TYR B 145 -19.33 4.44 6.34
C TYR B 145 -18.72 4.14 4.95
N GLY B 146 -19.57 4.07 3.92
CA GLY B 146 -19.04 3.73 2.61
C GLY B 146 -18.03 4.76 2.09
N ALA B 147 -18.16 6.01 2.54
CA ALA B 147 -17.39 7.11 1.97
C ALA B 147 -15.99 7.04 2.57
N GLN B 148 -15.95 6.83 3.88
CA GLN B 148 -14.69 6.78 4.61
C GLN B 148 -14.02 5.43 4.34
N TRP B 149 -14.79 4.37 4.07
CA TRP B 149 -14.18 3.09 3.73
C TRP B 149 -13.56 3.12 2.33
N ARG B 150 -14.23 3.79 1.35
CA ARG B 150 -13.87 3.67 -0.06
C ARG B 150 -13.30 4.98 -0.62
N HIS B 151 -13.59 6.12 0.00
CA HIS B 151 -13.47 7.36 -0.74
C HIS B 151 -13.08 8.50 0.22
N TRP B 152 -12.19 8.24 1.18
CA TRP B 152 -11.76 9.27 2.11
C TRP B 152 -11.08 10.39 1.35
N GLU B 153 -11.58 11.62 1.49
CA GLU B 153 -11.29 12.69 0.57
C GLU B 153 -9.98 13.30 1.01
N THR B 154 -9.15 13.65 0.04
CA THR B 154 -7.81 14.13 0.32
C THR B 154 -7.80 15.64 0.11
N LYS B 155 -6.82 16.29 0.76
CA LYS B 155 -6.68 17.73 0.77
C LYS B 155 -6.44 18.25 -0.65
N ASP B 156 -6.05 17.36 -1.57
CA ASP B 156 -5.65 17.80 -2.90
C ASP B 156 -6.49 17.15 -3.98
N GLY B 157 -7.81 17.16 -3.80
CA GLY B 157 -8.72 16.88 -4.90
C GLY B 157 -8.65 15.42 -5.33
N SER B 158 -8.45 14.53 -4.34
CA SER B 158 -8.51 13.09 -4.56
C SER B 158 -9.10 12.36 -3.34
N PHE B 159 -8.83 11.04 -3.24
CA PHE B 159 -9.49 10.18 -2.25
C PHE B 159 -8.65 8.93 -1.96
N ILE B 160 -8.71 8.42 -0.71
CA ILE B 160 -8.04 7.18 -0.30
C ILE B 160 -9.05 6.02 -0.30
N ASP B 161 -8.68 4.87 -0.88
CA ASP B 161 -9.54 3.68 -0.87
C ASP B 161 -9.20 2.78 0.30
N GLN B 162 -9.53 3.24 1.50
CA GLN B 162 -9.11 2.63 2.74
C GLN B 162 -9.36 1.12 2.84
N LEU B 163 -10.57 0.66 2.52
CA LEU B 163 -10.83 -0.77 2.64
C LEU B 163 -9.88 -1.55 1.73
N ALA B 164 -9.84 -1.19 0.44
CA ALA B 164 -9.01 -1.94 -0.50
C ALA B 164 -7.58 -1.99 0.02
N ASN B 165 -7.00 -0.82 0.33
CA ASN B 165 -5.61 -0.74 0.74
C ASN B 165 -5.29 -1.79 1.80
N VAL B 166 -6.24 -2.01 2.74
CA VAL B 166 -5.93 -2.82 3.91
C VAL B 166 -6.06 -4.30 3.59
N ILE B 167 -6.92 -4.62 2.62
CA ILE B 167 -7.06 -5.98 2.13
C ILE B 167 -5.76 -6.37 1.41
N GLU B 168 -5.23 -5.43 0.59
CA GLU B 168 -3.97 -5.63 -0.12
C GLU B 168 -2.78 -5.80 0.85
N MET B 169 -2.76 -4.99 1.92
CA MET B 169 -1.76 -5.10 2.97
C MET B 169 -1.84 -6.46 3.69
N ILE B 170 -3.05 -7.00 3.87
CA ILE B 170 -3.18 -8.30 4.53
C ILE B 170 -2.37 -9.33 3.73
N LYS B 171 -2.54 -9.29 2.38
CA LYS B 171 -1.90 -10.19 1.43
C LYS B 171 -0.37 -10.12 1.48
N THR B 172 0.22 -8.93 1.39
CA THR B 172 1.66 -8.81 1.22
C THR B 172 2.41 -8.49 2.51
N ASN B 173 1.72 -8.02 3.54
CA ASN B 173 2.36 -7.51 4.73
C ASN B 173 1.56 -7.94 5.97
N PRO B 174 1.34 -9.26 6.22
CA PRO B 174 0.37 -9.73 7.24
C PRO B 174 0.69 -9.43 8.69
N ASP B 175 1.97 -9.27 9.01
CA ASP B 175 2.37 -8.96 10.37
C ASP B 175 2.32 -7.45 10.64
N SER B 176 1.73 -6.68 9.71
CA SER B 176 1.61 -5.24 9.86
C SER B 176 0.77 -4.90 11.09
N ARG B 177 1.28 -4.00 11.92
CA ARG B 177 0.54 -3.52 13.07
C ARG B 177 -0.26 -2.28 12.69
N ARG B 178 -0.48 -2.06 11.39
CA ARG B 178 -1.06 -0.82 10.90
C ARG B 178 -2.25 -1.16 10.01
N LEU B 179 -2.78 -2.37 10.12
CA LEU B 179 -3.87 -2.77 9.24
C LEU B 179 -5.15 -2.15 9.77
N ILE B 180 -5.25 -0.81 9.70
CA ILE B 180 -6.36 -0.11 10.30
C ILE B 180 -7.33 0.53 9.28
N VAL B 181 -8.62 0.54 9.62
CA VAL B 181 -9.56 1.34 8.86
C VAL B 181 -10.31 2.23 9.83
N SER B 182 -10.45 3.51 9.47
CA SER B 182 -11.13 4.43 10.36
C SER B 182 -12.31 5.08 9.63
N ALA B 183 -13.50 5.03 10.25
CA ALA B 183 -14.57 5.85 9.74
C ALA B 183 -14.49 7.26 10.35
N TRP B 184 -13.55 7.48 11.28
CA TRP B 184 -13.68 8.71 12.04
C TRP B 184 -12.89 9.83 11.38
N ASN B 185 -13.61 10.63 10.56
CA ASN B 185 -13.11 11.77 9.80
C ASN B 185 -13.55 13.08 10.47
N PRO B 186 -12.70 13.70 11.32
CA PRO B 186 -13.11 14.90 12.04
C PRO B 186 -13.81 15.90 11.14
N GLU B 187 -13.26 16.09 9.93
CA GLU B 187 -13.77 17.08 9.00
C GLU B 187 -15.25 16.84 8.74
N ASP B 188 -15.63 15.56 8.60
CA ASP B 188 -16.89 15.20 8.00
C ASP B 188 -17.95 14.94 9.06
N VAL B 189 -17.53 14.85 10.33
CA VAL B 189 -18.39 14.37 11.41
C VAL B 189 -19.56 15.34 11.67
N PRO B 190 -19.39 16.67 11.54
CA PRO B 190 -20.53 17.59 11.61
C PRO B 190 -21.61 17.40 10.56
N SER B 191 -21.24 16.86 9.39
CA SER B 191 -22.10 16.88 8.21
C SER B 191 -22.75 15.51 7.95
N MET B 192 -22.22 14.47 8.62
CA MET B 192 -22.81 13.14 8.62
C MET B 192 -24.15 13.17 9.36
N ALA B 193 -25.08 12.27 8.95
CA ALA B 193 -26.34 12.00 9.64
C ALA B 193 -26.06 11.61 11.10
N LEU B 194 -25.27 10.54 11.25
CA LEU B 194 -24.74 10.15 12.54
C LEU B 194 -23.26 9.83 12.37
N PRO B 195 -22.37 10.35 13.27
CA PRO B 195 -20.94 10.09 13.18
C PRO B 195 -20.76 8.60 13.43
N PRO B 196 -19.80 7.90 12.78
CA PRO B 196 -19.70 6.44 12.84
C PRO B 196 -19.70 5.85 14.24
N CYS B 197 -20.69 4.98 14.53
CA CYS B 197 -20.66 4.36 15.84
C CYS B 197 -19.59 3.28 15.86
N HIS B 198 -19.66 2.31 14.92
CA HIS B 198 -18.54 1.42 14.61
C HIS B 198 -17.49 2.24 13.84
N THR B 199 -16.49 2.68 14.59
CA THR B 199 -15.71 3.88 14.34
C THR B 199 -14.40 3.52 13.63
N MET B 200 -13.73 2.48 14.13
CA MET B 200 -12.42 2.10 13.65
C MET B 200 -12.26 0.58 13.77
N PHE B 201 -11.51 -0.06 12.88
CA PHE B 201 -11.24 -1.46 13.13
C PHE B 201 -9.85 -1.81 12.60
N GLN B 202 -9.28 -2.91 13.10
CA GLN B 202 -7.89 -3.31 12.90
C GLN B 202 -7.84 -4.83 12.70
N PHE B 203 -6.87 -5.31 11.88
CA PHE B 203 -6.78 -6.73 11.56
C PHE B 203 -5.46 -7.30 12.04
N TYR B 204 -5.47 -8.61 12.27
CA TYR B 204 -4.35 -9.37 12.82
C TYR B 204 -4.22 -10.75 12.13
N VAL B 205 -2.97 -11.15 11.83
CA VAL B 205 -2.75 -12.44 11.18
C VAL B 205 -1.80 -13.26 12.04
N ASN B 206 -2.26 -14.46 12.39
CA ASN B 206 -1.45 -15.43 13.10
C ASN B 206 -1.76 -16.81 12.56
N GLU B 207 -0.70 -17.58 12.26
CA GLU B 207 -0.82 -18.95 11.79
C GLU B 207 -2.00 -19.16 10.80
N GLY B 208 -2.14 -18.25 9.82
CA GLY B 208 -3.03 -18.47 8.70
C GLY B 208 -4.50 -18.14 8.99
N LYS B 209 -4.76 -17.52 10.15
CA LYS B 209 -6.09 -17.10 10.56
C LYS B 209 -6.12 -15.57 10.65
N LEU B 210 -7.19 -14.98 10.13
CA LEU B 210 -7.42 -13.54 10.21
C LEU B 210 -8.36 -13.18 11.36
N SER B 211 -7.89 -12.30 12.26
CA SER B 211 -8.74 -11.81 13.33
C SER B 211 -8.93 -10.32 13.17
N CYS B 212 -10.02 -9.82 13.76
CA CYS B 212 -10.43 -8.45 13.57
C CYS B 212 -10.90 -7.87 14.91
N GLN B 213 -10.47 -6.65 15.25
CA GLN B 213 -11.01 -5.93 16.39
C GLN B 213 -11.74 -4.68 15.91
N LEU B 214 -12.96 -4.46 16.38
CA LEU B 214 -13.68 -3.24 16.01
C LEU B 214 -13.79 -2.36 17.23
N TYR B 215 -13.62 -1.02 17.05
CA TYR B 215 -13.74 -0.08 18.16
C TYR B 215 -14.98 0.74 17.91
N GLN B 216 -15.97 0.50 18.77
CA GLN B 216 -17.30 1.05 18.67
C GLN B 216 -17.51 2.10 19.78
N ARG B 217 -17.62 3.36 19.37
CA ARG B 217 -17.73 4.45 20.34
C ARG B 217 -19.07 4.36 21.10
N SER B 218 -20.06 3.71 20.48
CA SER B 218 -21.43 3.76 20.94
C SER B 218 -22.22 2.57 20.41
N ALA B 219 -22.84 1.83 21.34
CA ALA B 219 -23.52 0.58 21.03
C ALA B 219 -24.88 0.48 21.71
N ASP B 220 -25.92 0.65 20.89
CA ASP B 220 -27.28 0.28 21.20
C ASP B 220 -27.35 -1.26 21.32
N VAL B 221 -27.48 -1.76 22.53
CA VAL B 221 -27.19 -3.15 22.85
C VAL B 221 -28.28 -4.10 22.36
N PHE B 222 -29.58 -3.73 22.50
CA PHE B 222 -30.64 -4.65 22.08
C PHE B 222 -30.81 -4.71 20.56
N LEU B 223 -30.94 -3.53 19.92
CA LEU B 223 -31.16 -3.46 18.47
C LEU B 223 -29.86 -3.32 17.65
N GLY B 224 -28.86 -2.61 18.19
CA GLY B 224 -27.67 -2.29 17.43
C GLY B 224 -26.72 -3.49 17.31
N VAL B 225 -26.27 -3.97 18.46
CA VAL B 225 -25.09 -4.81 18.57
C VAL B 225 -25.27 -6.16 17.86
N PRO B 226 -26.49 -6.77 17.83
CA PRO B 226 -26.73 -7.97 17.03
C PRO B 226 -26.35 -7.78 15.57
N PHE B 227 -26.70 -6.62 15.02
CA PHE B 227 -26.40 -6.32 13.63
C PHE B 227 -24.89 -6.18 13.42
N ASN B 228 -24.26 -5.35 14.26
CA ASN B 228 -22.84 -5.00 14.15
C ASN B 228 -21.98 -6.25 14.21
N ILE B 229 -22.22 -7.10 15.20
CA ILE B 229 -21.54 -8.38 15.32
C ILE B 229 -21.54 -9.12 13.99
N ALA B 230 -22.74 -9.42 13.50
CA ALA B 230 -22.97 -10.18 12.29
C ALA B 230 -22.33 -9.48 11.11
N SER B 231 -22.41 -8.15 11.08
CA SER B 231 -21.81 -7.36 10.02
C SER B 231 -20.29 -7.52 9.98
N TYR B 232 -19.64 -7.51 11.15
CA TYR B 232 -18.19 -7.55 11.16
C TYR B 232 -17.67 -8.97 11.03
N ALA B 233 -18.49 -9.95 11.46
CA ALA B 233 -18.13 -11.35 11.19
C ALA B 233 -18.14 -11.58 9.68
N LEU B 234 -19.27 -11.28 9.03
CA LEU B 234 -19.29 -11.28 7.58
C LEU B 234 -18.00 -10.68 7.00
N LEU B 235 -17.70 -9.41 7.34
CA LEU B 235 -16.62 -8.72 6.65
C LEU B 235 -15.34 -9.52 6.84
N THR B 236 -15.12 -10.04 8.07
CA THR B 236 -13.89 -10.79 8.33
C THR B 236 -13.82 -12.04 7.43
N HIS B 237 -14.95 -12.72 7.33
CA HIS B 237 -15.05 -13.90 6.51
C HIS B 237 -14.79 -13.57 5.04
N LEU B 238 -15.40 -12.48 4.57
CA LEU B 238 -15.27 -12.11 3.17
C LEU B 238 -13.83 -11.77 2.82
N ILE B 239 -13.09 -11.14 3.76
CA ILE B 239 -11.70 -10.75 3.60
C ILE B 239 -10.81 -11.97 3.69
N ALA B 240 -11.16 -12.86 4.61
CA ALA B 240 -10.48 -14.15 4.69
C ALA B 240 -10.43 -14.82 3.32
N HIS B 241 -11.63 -15.00 2.75
CA HIS B 241 -11.87 -15.66 1.47
C HIS B 241 -10.91 -15.10 0.42
N GLU B 242 -10.98 -13.78 0.19
CA GLU B 242 -10.09 -13.09 -0.73
C GLU B 242 -8.64 -13.47 -0.44
N THR B 243 -8.18 -13.23 0.79
CA THR B 243 -6.77 -13.22 1.10
C THR B 243 -6.28 -14.64 1.37
N GLY B 244 -7.19 -15.61 1.19
CA GLY B 244 -6.87 -17.02 1.26
C GLY B 244 -6.54 -17.49 2.67
N LEU B 245 -7.12 -16.84 3.69
CA LEU B 245 -6.80 -17.18 5.07
C LEU B 245 -7.97 -17.91 5.72
N GLU B 246 -7.73 -18.46 6.92
CA GLU B 246 -8.79 -19.02 7.75
C GLU B 246 -9.27 -17.98 8.77
N VAL B 247 -10.36 -18.28 9.44
CA VAL B 247 -10.94 -17.25 10.27
C VAL B 247 -10.39 -17.42 11.68
N GLY B 248 -10.15 -16.25 12.30
CA GLY B 248 -9.78 -16.19 13.70
C GLY B 248 -10.95 -15.72 14.53
N GLU B 249 -10.71 -14.62 15.25
CA GLU B 249 -11.61 -14.08 16.23
C GLU B 249 -12.12 -12.71 15.78
N PHE B 250 -13.37 -12.43 16.13
CA PHE B 250 -13.85 -11.06 16.19
C PHE B 250 -13.76 -10.58 17.63
N VAL B 251 -13.11 -9.44 17.82
CA VAL B 251 -13.08 -8.80 19.12
C VAL B 251 -13.93 -7.54 19.01
N HIS B 252 -14.97 -7.46 19.83
CA HIS B 252 -15.84 -6.30 19.79
C HIS B 252 -15.55 -5.45 21.01
N THR B 253 -15.10 -4.19 20.81
CA THR B 253 -14.72 -3.32 21.93
C THR B 253 -15.62 -2.10 21.95
N LEU B 254 -16.21 -1.79 23.12
CA LEU B 254 -17.22 -0.72 23.20
C LEU B 254 -16.78 0.41 24.13
N GLY B 255 -17.08 1.63 23.72
CA GLY B 255 -17.13 2.76 24.65
C GLY B 255 -18.43 2.74 25.44
N ASP B 256 -19.37 3.63 25.11
CA ASP B 256 -20.67 3.64 25.76
C ASP B 256 -21.51 2.49 25.21
N ALA B 257 -21.62 1.40 25.97
CA ALA B 257 -22.58 0.37 25.65
C ALA B 257 -23.85 0.63 26.47
N HIS B 258 -25.01 0.61 25.82
CA HIS B 258 -26.19 1.09 26.53
C HIS B 258 -27.44 0.36 26.07
N LEU B 259 -28.41 0.35 26.99
CA LEU B 259 -29.71 -0.25 26.78
C LEU B 259 -30.68 0.90 26.83
N TYR B 260 -31.40 1.10 25.74
CA TYR B 260 -32.51 2.02 25.71
C TYR B 260 -33.62 1.52 26.63
N GLN B 261 -34.22 2.44 27.39
CA GLN B 261 -34.97 2.05 28.59
C GLN B 261 -36.23 1.31 28.20
N ASN B 262 -36.70 1.59 26.98
CA ASN B 262 -37.81 0.88 26.36
C ASN B 262 -37.33 -0.36 25.58
N HIS B 263 -36.10 -0.85 25.88
CA HIS B 263 -35.61 -2.17 25.50
C HIS B 263 -35.32 -3.03 26.74
N VAL B 264 -35.70 -2.58 27.93
CA VAL B 264 -35.36 -3.27 29.16
C VAL B 264 -36.11 -4.62 29.23
N GLU B 265 -37.40 -4.57 28.88
CA GLU B 265 -38.30 -5.72 28.90
C GLU B 265 -37.94 -6.77 27.84
N GLN B 266 -37.58 -6.28 26.66
CA GLN B 266 -37.11 -7.09 25.55
C GLN B 266 -35.88 -7.88 25.98
N MET B 267 -34.90 -7.19 26.58
CA MET B 267 -33.64 -7.82 26.97
C MET B 267 -33.92 -8.88 28.04
N GLN B 268 -34.89 -8.59 28.91
CA GLN B 268 -35.32 -9.51 29.96
C GLN B 268 -35.89 -10.79 29.37
N GLU B 269 -36.80 -10.64 28.38
CA GLU B 269 -37.39 -11.78 27.70
C GLU B 269 -36.32 -12.52 26.90
N GLN B 270 -35.46 -11.74 26.24
CA GLN B 270 -34.34 -12.36 25.56
C GLN B 270 -33.51 -13.19 26.54
N LEU B 271 -33.33 -12.72 27.78
CA LEU B 271 -32.35 -13.36 28.65
C LEU B 271 -32.91 -14.68 29.20
N SER B 272 -34.24 -14.86 29.14
CA SER B 272 -34.84 -16.07 29.68
C SER B 272 -34.81 -17.25 28.67
N ARG B 273 -34.50 -16.99 27.39
CA ARG B 273 -34.48 -18.03 26.36
C ARG B 273 -33.15 -18.78 26.37
N GLU B 274 -33.17 -20.06 25.92
CA GLU B 274 -32.03 -20.97 25.93
C GLU B 274 -31.18 -20.78 24.67
N VAL B 275 -29.87 -20.59 24.84
CA VAL B 275 -28.95 -20.44 23.72
C VAL B 275 -28.97 -21.70 22.84
N ARG B 276 -28.92 -21.50 21.52
CA ARG B 276 -28.83 -22.59 20.53
C ARG B 276 -27.51 -22.43 19.76
N SER B 277 -27.25 -23.33 18.81
CA SER B 277 -26.05 -23.30 18.00
C SER B 277 -26.08 -22.17 16.97
N PHE B 278 -24.99 -21.39 16.91
CA PHE B 278 -24.81 -20.46 15.80
C PHE B 278 -24.88 -21.23 14.49
N PRO B 279 -25.38 -20.62 13.38
CA PRO B 279 -25.44 -21.32 12.10
C PRO B 279 -24.06 -21.31 11.42
N THR B 280 -23.99 -21.91 10.22
CA THR B 280 -22.77 -21.96 9.43
C THR B 280 -22.90 -20.95 8.28
N LEU B 281 -21.80 -20.23 7.98
CA LEU B 281 -21.77 -19.30 6.86
C LEU B 281 -21.16 -20.00 5.65
N VAL B 282 -21.80 -19.86 4.48
CA VAL B 282 -21.28 -20.48 3.27
C VAL B 282 -21.16 -19.39 2.22
N LEU B 283 -19.96 -19.25 1.63
CA LEU B 283 -19.68 -18.25 0.61
C LEU B 283 -19.66 -18.92 -0.77
N ASN B 284 -19.84 -18.11 -1.83
CA ASN B 284 -19.70 -18.58 -3.19
C ASN B 284 -18.22 -18.63 -3.55
N PRO B 285 -17.65 -19.85 -3.70
CA PRO B 285 -16.21 -19.99 -3.97
C PRO B 285 -15.70 -19.37 -5.28
N ASP B 286 -16.63 -19.12 -6.21
CA ASP B 286 -16.28 -18.63 -7.54
C ASP B 286 -15.85 -17.17 -7.50
N LYS B 287 -16.29 -16.43 -6.46
CA LYS B 287 -16.08 -14.98 -6.39
C LYS B 287 -14.76 -14.65 -5.70
N ALA B 288 -14.00 -13.71 -6.29
CA ALA B 288 -12.57 -13.60 -6.08
C ALA B 288 -12.23 -12.51 -5.05
N SER B 289 -12.94 -11.38 -5.12
CA SER B 289 -12.61 -10.20 -4.35
C SER B 289 -13.79 -9.86 -3.44
N VAL B 290 -13.51 -9.21 -2.31
CA VAL B 290 -14.48 -8.66 -1.37
C VAL B 290 -15.53 -7.80 -2.10
N PHE B 291 -15.10 -7.05 -3.13
CA PHE B 291 -15.98 -6.10 -3.80
C PHE B 291 -16.79 -6.74 -4.93
N ASP B 292 -16.81 -8.08 -4.99
CA ASP B 292 -17.36 -8.83 -6.11
C ASP B 292 -18.66 -9.53 -5.69
N PHE B 293 -18.91 -9.59 -4.38
CA PHE B 293 -20.04 -10.33 -3.83
C PHE B 293 -21.35 -9.59 -4.12
N ASP B 294 -22.41 -10.34 -4.42
CA ASP B 294 -23.75 -9.78 -4.41
C ASP B 294 -24.58 -10.55 -3.37
N MET B 295 -25.85 -10.17 -3.19
CA MET B 295 -26.64 -10.72 -2.09
C MET B 295 -26.85 -12.23 -2.19
N GLU B 296 -26.89 -12.80 -3.41
CA GLU B 296 -27.20 -14.22 -3.53
C GLU B 296 -25.96 -15.10 -3.35
N ASP B 297 -24.82 -14.46 -3.05
CA ASP B 297 -23.52 -15.11 -2.93
C ASP B 297 -23.19 -15.43 -1.47
N ILE B 298 -23.95 -14.86 -0.52
CA ILE B 298 -23.69 -15.04 0.90
C ILE B 298 -24.95 -15.62 1.54
N LYS B 299 -24.83 -16.77 2.20
CA LYS B 299 -25.97 -17.48 2.80
C LYS B 299 -25.59 -17.92 4.20
N VAL B 300 -26.56 -18.02 5.11
CA VAL B 300 -26.31 -18.66 6.38
C VAL B 300 -27.24 -19.87 6.44
N GLU B 301 -26.67 -21.05 6.68
CA GLU B 301 -27.44 -22.29 6.71
C GLU B 301 -27.48 -22.86 8.13
N GLY B 302 -28.63 -23.40 8.53
CA GLY B 302 -28.74 -24.09 9.80
C GLY B 302 -29.12 -23.13 10.92
N TYR B 303 -29.80 -22.05 10.53
CA TYR B 303 -30.15 -21.01 11.48
C TYR B 303 -31.54 -21.30 12.04
N ASP B 304 -31.59 -21.73 13.31
CA ASP B 304 -32.87 -21.98 13.95
C ASP B 304 -33.04 -21.16 15.22
N PRO B 305 -33.35 -19.84 15.14
CA PRO B 305 -33.56 -19.00 16.32
C PRO B 305 -34.93 -19.07 17.01
N HIS B 306 -34.97 -18.64 18.28
CA HIS B 306 -36.19 -18.28 18.98
C HIS B 306 -36.85 -17.10 18.27
N PRO B 307 -38.16 -16.80 18.52
CA PRO B 307 -38.89 -15.76 17.80
C PRO B 307 -38.36 -14.33 17.90
N THR B 308 -38.70 -13.52 16.88
CA THR B 308 -38.38 -12.10 16.87
C THR B 308 -38.88 -11.49 18.17
N ILE B 309 -38.03 -10.65 18.78
CA ILE B 309 -38.49 -9.72 19.81
C ILE B 309 -38.43 -8.30 19.22
N LYS B 310 -39.60 -7.69 19.02
CA LYS B 310 -39.71 -6.36 18.42
C LYS B 310 -39.41 -5.27 19.46
N ALA B 311 -38.85 -4.13 19.03
CA ALA B 311 -38.61 -3.00 19.93
C ALA B 311 -38.51 -1.71 19.11
N PRO B 312 -38.75 -0.52 19.70
CA PRO B 312 -38.68 0.74 18.94
C PRO B 312 -37.27 1.34 18.81
N ILE B 313 -36.95 1.83 17.61
CA ILE B 313 -35.65 2.42 17.37
C ILE B 313 -35.61 3.88 17.82
N ALA B 314 -34.62 4.21 18.65
CA ALA B 314 -34.39 5.57 19.14
C ALA B 314 -33.75 6.48 18.08
N VAL B 315 -34.54 7.47 17.61
CA VAL B 315 -34.10 8.34 16.53
C VAL B 315 -33.32 9.55 17.08
N MET C 1 30.11 5.82 -23.39
CA MET C 1 31.36 6.55 -23.18
C MET C 1 31.29 7.20 -21.80
N GLU C 2 32.45 7.52 -21.19
CA GLU C 2 32.51 8.06 -19.86
C GLU C 2 31.76 9.39 -19.80
N GLU C 3 31.83 10.15 -20.88
CA GLU C 3 31.22 11.47 -20.98
C GLU C 3 29.70 11.38 -21.11
N ALA C 4 29.17 10.14 -21.07
CA ALA C 4 27.74 9.90 -21.00
C ALA C 4 27.30 9.93 -19.53
N TYR C 5 28.16 9.36 -18.66
CA TYR C 5 27.93 9.40 -17.24
C TYR C 5 28.12 10.83 -16.78
N LEU C 6 29.13 11.51 -17.32
CA LEU C 6 29.47 12.85 -16.84
C LEU C 6 28.37 13.82 -17.26
N ALA C 7 27.86 13.58 -18.47
CA ALA C 7 26.72 14.32 -19.00
C ALA C 7 25.54 14.24 -18.03
N LEU C 8 25.32 13.07 -17.41
CA LEU C 8 24.21 12.92 -16.47
C LEU C 8 24.42 13.76 -15.20
N GLY C 9 25.59 13.65 -14.55
CA GLY C 9 25.92 14.39 -13.34
C GLY C 9 25.78 15.89 -13.55
N LYS C 10 26.29 16.37 -14.69
CA LYS C 10 26.16 17.76 -15.11
C LYS C 10 24.69 18.13 -15.31
N LYS C 11 23.89 17.32 -16.01
CA LYS C 11 22.50 17.72 -16.19
C LYS C 11 21.73 17.82 -14.86
N ILE C 12 22.12 17.04 -13.85
CA ILE C 12 21.34 17.00 -12.62
C ILE C 12 21.60 18.29 -11.83
N LEU C 13 22.89 18.68 -11.70
CA LEU C 13 23.30 19.87 -11.01
C LEU C 13 22.68 21.12 -11.65
N GLU C 14 22.45 21.04 -12.96
CA GLU C 14 21.88 22.14 -13.73
C GLU C 14 20.35 22.16 -13.70
N GLU C 15 19.68 21.00 -13.84
CA GLU C 15 18.22 21.07 -13.97
C GLU C 15 17.45 20.06 -13.14
N GLY C 16 18.10 19.42 -12.18
CA GLY C 16 17.37 18.44 -11.38
C GLY C 16 16.39 19.11 -10.44
N HIS C 17 15.20 18.50 -10.30
CA HIS C 17 14.19 18.93 -9.33
C HIS C 17 14.60 18.50 -7.93
N PHE C 18 14.36 19.38 -6.93
CA PHE C 18 14.83 19.14 -5.57
C PHE C 18 13.71 18.55 -4.70
N LYS C 19 14.06 17.52 -3.91
CA LYS C 19 13.12 16.85 -3.01
C LYS C 19 13.80 16.50 -1.68
N GLU C 20 13.13 16.86 -0.59
CA GLU C 20 13.53 16.52 0.78
C GLU C 20 12.47 15.59 1.37
N ASP C 21 12.89 14.37 1.73
CA ASP C 21 11.94 13.29 2.06
C ASP C 21 11.82 13.11 3.57
N ARG C 22 11.13 12.03 3.98
CA ARG C 22 10.63 11.81 5.34
C ARG C 22 11.76 11.73 6.39
N THR C 23 13.00 11.44 5.97
CA THR C 23 14.09 11.29 6.93
C THR C 23 14.92 12.56 7.02
N GLY C 24 14.85 13.40 5.97
CA GLY C 24 15.58 14.66 5.92
C GLY C 24 16.65 14.74 4.81
N THR C 25 16.79 13.68 4.00
CA THR C 25 17.78 13.67 2.93
C THR C 25 17.29 14.57 1.80
N GLY C 26 18.21 15.37 1.23
CA GLY C 26 17.93 16.19 0.07
C GLY C 26 18.55 15.63 -1.21
N THR C 27 17.75 15.52 -2.28
CA THR C 27 18.24 15.05 -3.57
C THR C 27 17.94 16.06 -4.67
N TYR C 28 18.76 16.05 -5.73
CA TYR C 28 18.37 16.57 -7.03
C TYR C 28 18.22 15.36 -7.97
N SER C 29 17.18 15.37 -8.82
CA SER C 29 16.81 14.19 -9.56
C SER C 29 16.14 14.56 -10.88
N LEU C 30 16.34 13.69 -11.89
CA LEU C 30 15.48 13.63 -13.07
C LEU C 30 14.90 12.22 -13.25
N PHE C 31 14.04 12.06 -14.28
CA PHE C 31 13.28 10.83 -14.46
C PHE C 31 13.30 10.40 -15.92
N GLY C 32 14.13 9.39 -16.20
CA GLY C 32 14.28 8.90 -17.55
C GLY C 32 15.66 9.31 -18.08
N TYR C 33 16.49 8.32 -18.35
CA TYR C 33 17.80 8.64 -18.89
C TYR C 33 18.37 7.38 -19.51
N GLN C 34 19.01 7.51 -20.67
CA GLN C 34 19.62 6.34 -21.28
C GLN C 34 21.08 6.61 -21.63
N MET C 35 21.99 5.77 -21.13
CA MET C 35 23.42 5.84 -21.36
C MET C 35 23.82 4.55 -22.08
N ARG C 36 24.78 4.64 -23.02
CA ARG C 36 25.25 3.47 -23.76
C ARG C 36 26.76 3.36 -23.60
N PHE C 37 27.24 2.15 -23.29
CA PHE C 37 28.66 1.87 -23.24
C PHE C 37 29.04 0.75 -24.22
N ASP C 38 29.66 1.11 -25.35
CA ASP C 38 30.18 0.15 -26.33
C ASP C 38 31.40 -0.60 -25.75
N LEU C 39 31.19 -1.86 -25.33
CA LEU C 39 32.17 -2.59 -24.54
C LEU C 39 33.42 -2.87 -25.39
N ALA C 40 33.26 -2.89 -26.71
CA ALA C 40 34.38 -3.08 -27.61
C ALA C 40 35.46 -2.04 -27.33
N LYS C 41 35.04 -0.84 -26.89
CA LYS C 41 35.84 0.38 -26.76
C LYS C 41 36.52 0.51 -25.40
N GLY C 42 36.43 -0.51 -24.55
CA GLY C 42 37.05 -0.46 -23.24
C GLY C 42 36.03 -0.82 -22.16
N PHE C 43 36.49 -1.55 -21.12
CA PHE C 43 35.68 -1.87 -19.96
C PHE C 43 35.44 -0.62 -19.11
N PRO C 44 34.15 -0.24 -18.94
CA PRO C 44 33.76 1.01 -18.29
C PRO C 44 33.88 1.13 -16.75
N LEU C 45 35.13 1.01 -16.28
CA LEU C 45 35.52 1.26 -14.90
C LEU C 45 35.95 2.73 -14.83
N LEU C 46 35.21 3.57 -14.08
CA LEU C 46 35.35 5.01 -14.24
C LEU C 46 36.77 5.47 -13.92
N THR C 47 37.31 6.34 -14.81
CA THR C 47 38.68 6.85 -14.69
C THR C 47 38.72 8.20 -13.96
N THR C 48 37.61 8.94 -13.99
CA THR C 48 37.57 10.25 -13.36
C THR C 48 37.66 10.16 -11.83
N LYS C 49 37.47 8.98 -11.24
CA LYS C 49 37.68 8.75 -9.83
C LYS C 49 37.80 7.24 -9.63
N ARG C 50 38.78 6.82 -8.81
CA ARG C 50 38.99 5.39 -8.67
C ARG C 50 37.69 4.74 -8.21
N VAL C 51 37.29 3.68 -8.96
CA VAL C 51 36.21 2.76 -8.65
C VAL C 51 36.85 1.42 -8.24
N PRO C 52 36.58 0.95 -7.01
CA PRO C 52 37.04 -0.36 -6.52
C PRO C 52 36.45 -1.62 -7.16
N PHE C 53 37.32 -2.39 -7.84
CA PHE C 53 36.91 -3.44 -8.77
C PHE C 53 36.68 -4.80 -8.10
N GLY C 54 37.36 -5.08 -6.98
CA GLY C 54 37.28 -6.37 -6.33
C GLY C 54 35.98 -6.59 -5.55
N LEU C 55 35.34 -5.50 -5.10
CA LEU C 55 34.07 -5.56 -4.38
C LEU C 55 32.91 -5.75 -5.36
N ILE C 56 33.06 -5.19 -6.57
CA ILE C 56 32.12 -5.40 -7.67
C ILE C 56 32.17 -6.88 -8.05
N LYS C 57 33.39 -7.40 -8.15
CA LYS C 57 33.54 -8.70 -8.79
C LYS C 57 33.22 -9.82 -7.79
N SER C 58 33.52 -9.58 -6.52
CA SER C 58 33.11 -10.51 -5.49
C SER C 58 31.59 -10.52 -5.36
N GLU C 59 30.96 -9.34 -5.38
CA GLU C 59 29.52 -9.29 -5.24
C GLU C 59 28.85 -9.89 -6.47
N LEU C 60 29.41 -9.73 -7.69
CA LEU C 60 28.72 -10.21 -8.88
C LEU C 60 28.88 -11.73 -9.04
N LEU C 61 30.08 -12.25 -8.79
CA LEU C 61 30.32 -13.69 -8.75
C LEU C 61 29.38 -14.31 -7.72
N TRP C 62 28.95 -13.52 -6.72
CA TRP C 62 28.07 -13.97 -5.65
C TRP C 62 26.65 -14.16 -6.18
N PHE C 63 26.18 -13.16 -6.92
CA PHE C 63 24.87 -13.16 -7.54
C PHE C 63 24.80 -14.29 -8.56
N LEU C 64 25.92 -14.49 -9.29
CA LEU C 64 26.04 -15.39 -10.42
C LEU C 64 25.82 -16.84 -10.00
N LYS C 65 26.46 -17.24 -8.88
CA LYS C 65 26.38 -18.60 -8.39
C LYS C 65 25.29 -18.73 -7.31
N GLY C 66 24.35 -17.77 -7.34
CA GLY C 66 23.07 -17.85 -6.63
C GLY C 66 23.19 -17.98 -5.11
N ASP C 67 24.33 -17.60 -4.55
CA ASP C 67 24.56 -17.61 -3.13
C ASP C 67 23.78 -16.48 -2.46
N THR C 68 23.18 -16.73 -1.30
CA THR C 68 22.52 -15.65 -0.56
C THR C 68 23.07 -15.57 0.87
N ASN C 69 24.20 -16.25 1.10
CA ASN C 69 24.86 -16.35 2.40
C ASN C 69 26.17 -15.56 2.38
N ILE C 70 26.31 -14.60 3.32
CA ILE C 70 27.42 -13.65 3.40
C ILE C 70 28.75 -14.37 3.55
N ARG C 71 28.76 -15.70 3.60
CA ARG C 71 30.02 -16.41 3.78
C ARG C 71 30.99 -16.17 2.61
N TYR C 72 30.47 -16.18 1.36
CA TYR C 72 31.29 -16.04 0.17
C TYR C 72 31.97 -14.67 0.19
N LEU C 73 31.21 -13.63 0.57
CA LEU C 73 31.63 -12.25 0.47
C LEU C 73 32.74 -11.96 1.49
N LEU C 74 32.59 -12.54 2.68
CA LEU C 74 33.57 -12.39 3.75
C LEU C 74 34.87 -13.09 3.37
N GLU C 75 34.80 -14.34 2.92
CA GLU C 75 35.96 -15.10 2.46
C GLU C 75 36.73 -14.33 1.39
N ARG C 76 36.12 -13.30 0.80
CA ARG C 76 36.77 -12.53 -0.25
C ARG C 76 36.81 -11.03 0.08
N ASN C 77 36.62 -10.70 1.36
CA ASN C 77 36.85 -9.38 1.94
C ASN C 77 35.86 -8.34 1.41
N ASN C 78 34.65 -8.80 1.08
CA ASN C 78 33.58 -7.87 0.76
C ASN C 78 32.74 -7.68 2.03
N HIS C 79 32.68 -6.44 2.52
CA HIS C 79 32.02 -6.16 3.79
C HIS C 79 30.75 -5.35 3.54
N ILE C 80 30.14 -5.51 2.36
CA ILE C 80 29.06 -4.63 1.97
C ILE C 80 27.76 -5.01 2.68
N TRP C 81 27.48 -6.32 2.84
CA TRP C 81 26.23 -6.72 3.46
C TRP C 81 26.47 -7.37 4.83
N ASP C 82 27.10 -6.61 5.73
CA ASP C 82 27.36 -7.09 7.11
C ASP C 82 26.41 -6.37 8.07
N GLU C 83 25.29 -5.87 7.56
CA GLU C 83 24.28 -5.14 8.37
C GLU C 83 23.11 -6.09 8.70
N TRP C 84 22.22 -6.30 7.73
CA TRP C 84 21.05 -7.19 7.93
C TRP C 84 21.52 -8.54 8.50
N ALA C 85 22.79 -8.87 8.28
CA ALA C 85 23.39 -10.10 8.78
C ALA C 85 23.65 -10.00 10.28
N PHE C 86 24.13 -8.83 10.71
CA PHE C 86 24.67 -8.62 12.04
C PHE C 86 23.61 -8.00 12.98
N GLU C 87 22.67 -7.23 12.39
CA GLU C 87 21.52 -6.69 13.10
C GLU C 87 20.54 -7.82 13.40
N ARG C 88 20.58 -8.88 12.60
CA ARG C 88 19.69 -10.03 12.79
C ARG C 88 20.12 -10.82 14.02
N TYR C 89 21.45 -11.01 14.17
CA TYR C 89 22.05 -11.91 15.14
C TYR C 89 22.01 -11.35 16.57
N VAL C 90 22.12 -10.01 16.73
CA VAL C 90 22.10 -9.37 18.03
C VAL C 90 20.66 -9.19 18.52
N LYS C 91 19.69 -9.72 17.75
CA LYS C 91 18.27 -9.65 18.06
C LYS C 91 17.69 -11.08 18.17
N SER C 92 18.53 -12.08 17.86
CA SER C 92 18.29 -13.48 18.17
C SER C 92 18.99 -13.84 19.48
N ALA C 93 18.62 -15.00 20.05
CA ALA C 93 18.89 -15.36 21.44
C ALA C 93 20.38 -15.29 21.80
N ASP C 94 21.22 -16.09 21.12
CA ASP C 94 22.53 -16.50 21.62
C ASP C 94 23.64 -15.46 21.38
N TYR C 95 23.61 -14.34 22.16
CA TYR C 95 24.60 -13.25 22.08
C TYR C 95 24.62 -12.43 23.38
N GLN C 96 25.74 -11.73 23.67
CA GLN C 96 25.92 -10.88 24.86
C GLN C 96 26.30 -9.45 24.52
N GLY C 97 25.48 -8.50 24.99
CA GLY C 97 25.70 -7.08 24.76
C GLY C 97 24.39 -6.31 24.87
N GLU C 119 33.82 -4.22 17.81
CA GLU C 119 34.44 -5.17 18.76
C GLU C 119 33.76 -6.53 18.60
N GLU C 120 32.52 -6.61 19.05
CA GLU C 120 31.68 -7.79 18.94
C GLU C 120 31.25 -8.01 17.49
N HIS C 121 31.46 -7.01 16.61
CA HIS C 121 31.21 -7.15 15.18
C HIS C 121 32.07 -8.23 14.55
N GLN C 122 33.34 -8.32 14.98
CA GLN C 122 34.31 -9.20 14.37
C GLN C 122 34.19 -10.62 14.94
N LYS C 123 33.43 -10.76 16.04
CA LYS C 123 33.22 -12.07 16.62
C LYS C 123 32.17 -12.82 15.79
N PHE C 124 31.23 -12.05 15.22
CA PHE C 124 30.20 -12.55 14.32
C PHE C 124 30.86 -12.94 12.99
N CYS C 125 31.61 -11.99 12.39
CA CYS C 125 32.34 -12.17 11.13
C CYS C 125 33.26 -13.38 11.22
N ASP C 126 33.84 -13.59 12.41
CA ASP C 126 34.79 -14.66 12.64
C ASP C 126 34.05 -15.99 12.66
N ALA C 127 32.89 -16.02 13.32
CA ALA C 127 32.12 -17.25 13.45
C ALA C 127 31.51 -17.68 12.12
N ILE C 128 31.28 -16.69 11.21
CA ILE C 128 30.77 -16.90 9.87
C ILE C 128 31.87 -17.55 9.02
N LEU C 129 33.10 -17.06 9.23
CA LEU C 129 34.26 -17.45 8.46
C LEU C 129 34.60 -18.93 8.70
N ASN C 130 34.65 -19.37 9.98
CA ASN C 130 35.33 -20.60 10.40
C ASN C 130 34.39 -21.73 10.84
N ASP C 131 33.14 -21.41 11.20
CA ASP C 131 32.22 -22.40 11.73
C ASP C 131 31.20 -22.81 10.66
N ALA C 132 31.02 -24.13 10.50
CA ALA C 132 30.12 -24.73 9.52
C ALA C 132 28.65 -24.45 9.85
N GLU C 133 28.23 -24.77 11.08
CA GLU C 133 26.84 -24.67 11.48
C GLU C 133 26.41 -23.20 11.53
N PHE C 134 27.25 -22.34 12.13
CA PHE C 134 26.91 -20.96 12.43
C PHE C 134 26.47 -20.21 11.17
N ALA C 135 27.18 -20.44 10.05
CA ALA C 135 27.00 -19.70 8.82
C ALA C 135 25.58 -19.85 8.29
N GLU C 136 25.07 -21.09 8.32
CA GLU C 136 23.76 -21.43 7.78
C GLU C 136 22.64 -20.95 8.71
N LYS C 137 22.96 -20.27 9.81
CA LYS C 137 21.95 -19.75 10.72
C LYS C 137 21.81 -18.24 10.54
N TYR C 138 22.92 -17.49 10.60
CA TYR C 138 22.81 -16.05 10.75
C TYR C 138 23.47 -15.29 9.60
N GLY C 139 24.00 -16.04 8.63
CA GLY C 139 24.63 -15.45 7.46
C GLY C 139 23.68 -15.39 6.27
N GLU C 140 22.56 -16.12 6.38
CA GLU C 140 21.57 -16.22 5.31
C GLU C 140 20.81 -14.90 5.21
N LEU C 141 20.82 -14.28 4.02
CA LEU C 141 19.99 -13.13 3.76
C LEU C 141 18.69 -13.62 3.14
N GLY C 142 17.69 -12.74 3.05
CA GLY C 142 16.35 -13.04 2.56
C GLY C 142 16.44 -13.17 1.04
N ASN C 143 15.41 -12.76 0.33
CA ASN C 143 15.48 -12.83 -1.13
C ASN C 143 16.11 -11.57 -1.72
N ILE C 144 17.22 -11.75 -2.42
CA ILE C 144 17.92 -10.67 -3.10
C ILE C 144 18.44 -11.19 -4.43
N TYR C 145 19.35 -10.43 -5.06
CA TYR C 145 19.81 -10.71 -6.41
C TYR C 145 20.13 -12.20 -6.63
N GLY C 146 20.81 -12.84 -5.67
CA GLY C 146 21.06 -14.27 -5.77
C GLY C 146 19.77 -15.08 -5.91
N ALA C 147 18.85 -14.86 -4.96
CA ALA C 147 17.58 -15.59 -4.91
C ALA C 147 16.74 -15.33 -6.15
N GLN C 148 16.96 -14.20 -6.83
CA GLN C 148 15.97 -13.80 -7.84
C GLN C 148 16.44 -14.18 -9.23
N TRP C 149 17.76 -14.07 -9.45
CA TRP C 149 18.35 -14.46 -10.72
C TRP C 149 18.37 -15.99 -10.86
N ARG C 150 18.43 -16.70 -9.72
CA ARG C 150 18.66 -18.12 -9.84
C ARG C 150 17.47 -18.92 -9.30
N HIS C 151 16.52 -18.30 -8.57
CA HIS C 151 15.65 -19.07 -7.67
C HIS C 151 14.27 -18.42 -7.42
N TRP C 152 13.49 -18.15 -8.48
CA TRP C 152 12.18 -17.49 -8.37
C TRP C 152 11.08 -18.48 -7.98
N GLU C 153 10.53 -18.36 -6.76
CA GLU C 153 9.61 -19.34 -6.19
C GLU C 153 8.29 -19.30 -6.95
N THR C 154 7.78 -20.48 -7.34
CA THR C 154 6.48 -20.54 -8.01
C THR C 154 5.40 -20.82 -6.97
N LYS C 155 4.16 -20.99 -7.43
CA LYS C 155 3.05 -21.21 -6.53
C LYS C 155 3.05 -22.66 -6.04
N ASP C 156 3.75 -23.55 -6.77
CA ASP C 156 3.73 -24.97 -6.48
C ASP C 156 5.00 -25.39 -5.73
N GLY C 157 5.75 -24.40 -5.22
CA GLY C 157 6.93 -24.68 -4.42
C GLY C 157 8.19 -24.95 -5.23
N SER C 158 8.12 -24.99 -6.57
CA SER C 158 9.32 -25.14 -7.37
C SER C 158 9.96 -23.76 -7.66
N PHE C 159 11.09 -23.76 -8.37
CA PHE C 159 11.87 -22.54 -8.55
C PHE C 159 12.19 -22.42 -10.03
N ILE C 160 12.30 -21.18 -10.49
CA ILE C 160 12.75 -20.85 -11.83
C ILE C 160 14.13 -20.18 -11.75
N ASP C 161 15.02 -20.62 -12.64
CA ASP C 161 16.36 -20.09 -12.82
C ASP C 161 16.41 -19.30 -14.12
N GLN C 162 15.88 -18.08 -14.07
CA GLN C 162 15.87 -17.21 -15.23
C GLN C 162 17.24 -17.22 -15.92
N LEU C 163 18.26 -16.77 -15.18
CA LEU C 163 19.61 -16.59 -15.72
C LEU C 163 19.93 -17.79 -16.60
N ALA C 164 20.01 -18.97 -15.97
CA ALA C 164 20.36 -20.22 -16.63
C ALA C 164 19.45 -20.45 -17.84
N ASN C 165 18.14 -20.25 -17.70
CA ASN C 165 17.24 -20.45 -18.84
C ASN C 165 17.69 -19.57 -20.00
N VAL C 166 17.95 -18.29 -19.71
CA VAL C 166 18.32 -17.30 -20.70
C VAL C 166 19.69 -17.63 -21.29
N ILE C 167 20.54 -18.29 -20.51
CA ILE C 167 21.83 -18.69 -21.05
C ILE C 167 21.52 -19.73 -22.12
N GLU C 168 20.61 -20.65 -21.79
CA GLU C 168 20.16 -21.70 -22.70
C GLU C 168 19.54 -21.08 -23.95
N MET C 169 18.81 -19.99 -23.76
CA MET C 169 18.04 -19.40 -24.84
C MET C 169 18.99 -18.70 -25.80
N ILE C 170 20.13 -18.21 -25.28
CA ILE C 170 21.05 -17.45 -26.09
C ILE C 170 21.85 -18.42 -26.94
N LYS C 171 22.09 -19.61 -26.38
CA LYS C 171 22.87 -20.59 -27.10
C LYS C 171 22.09 -21.20 -28.25
N THR C 172 20.78 -21.41 -28.08
CA THR C 172 19.98 -22.08 -29.09
C THR C 172 19.16 -21.11 -29.94
N ASN C 173 18.82 -19.94 -29.38
CA ASN C 173 17.93 -19.02 -30.08
C ASN C 173 18.44 -17.60 -29.88
N PRO C 174 19.58 -17.20 -30.49
CA PRO C 174 20.11 -15.85 -30.31
C PRO C 174 19.10 -14.71 -30.58
N ASP C 175 18.16 -14.96 -31.51
CA ASP C 175 17.33 -13.95 -32.12
C ASP C 175 16.06 -13.75 -31.31
N SER C 176 15.93 -14.45 -30.18
CA SER C 176 14.83 -14.26 -29.25
C SER C 176 14.87 -12.86 -28.64
N ARG C 177 13.70 -12.23 -28.58
CA ARG C 177 13.49 -10.93 -27.96
C ARG C 177 12.88 -11.10 -26.57
N ARG C 178 13.11 -12.27 -25.95
CA ARG C 178 12.52 -12.68 -24.68
C ARG C 178 13.60 -12.94 -23.62
N LEU C 179 14.82 -12.43 -23.85
CA LEU C 179 15.97 -12.69 -22.98
C LEU C 179 15.90 -11.84 -21.71
N ILE C 180 14.81 -11.94 -20.92
CA ILE C 180 14.61 -11.07 -19.78
C ILE C 180 15.00 -11.79 -18.50
N VAL C 181 15.68 -11.08 -17.59
CA VAL C 181 15.73 -11.44 -16.17
C VAL C 181 15.05 -10.34 -15.36
N SER C 182 14.19 -10.74 -14.42
CA SER C 182 13.50 -9.78 -13.57
C SER C 182 13.85 -10.06 -12.13
N ALA C 183 13.95 -9.00 -11.32
CA ALA C 183 14.18 -9.08 -9.89
C ALA C 183 13.01 -8.40 -9.18
N TRP C 184 11.96 -8.09 -9.97
CA TRP C 184 10.74 -7.46 -9.49
C TRP C 184 9.59 -8.44 -9.26
N ASN C 185 9.44 -8.97 -8.05
CA ASN C 185 8.23 -9.68 -7.67
C ASN C 185 7.41 -8.81 -6.74
N PRO C 186 6.19 -8.43 -7.17
CA PRO C 186 5.28 -7.61 -6.37
C PRO C 186 4.66 -8.24 -5.10
N GLU C 187 4.83 -9.55 -4.94
CA GLU C 187 4.34 -10.24 -3.76
C GLU C 187 5.34 -10.03 -2.62
N ASP C 188 6.62 -9.87 -2.98
CA ASP C 188 7.70 -9.90 -2.00
C ASP C 188 8.16 -8.47 -1.71
N VAL C 189 7.87 -7.53 -2.59
CA VAL C 189 8.50 -6.22 -2.48
C VAL C 189 7.98 -5.45 -1.25
N PRO C 190 6.66 -5.43 -0.95
CA PRO C 190 6.17 -4.72 0.23
C PRO C 190 6.84 -5.05 1.55
N SER C 191 7.24 -6.31 1.73
CA SER C 191 7.76 -6.73 3.02
C SER C 191 9.28 -6.89 2.98
N MET C 192 9.90 -6.51 1.86
CA MET C 192 11.35 -6.64 1.81
C MET C 192 12.05 -5.33 2.14
N ALA C 193 13.20 -5.49 2.83
CA ALA C 193 13.88 -4.40 3.50
C ALA C 193 14.49 -3.45 2.47
N LEU C 194 15.14 -4.01 1.46
CA LEU C 194 15.67 -3.23 0.34
C LEU C 194 15.14 -3.83 -0.96
N PRO C 195 13.94 -3.41 -1.47
CA PRO C 195 13.45 -3.87 -2.76
C PRO C 195 14.49 -3.53 -3.82
N PRO C 196 14.70 -4.41 -4.82
CA PRO C 196 15.92 -4.37 -5.62
C PRO C 196 15.89 -3.15 -6.53
N CYS C 197 17.05 -2.48 -6.61
CA CYS C 197 17.21 -1.25 -7.37
C CYS C 197 17.29 -1.54 -8.87
N HIS C 198 17.81 -2.70 -9.22
CA HIS C 198 17.90 -3.16 -10.61
C HIS C 198 16.72 -4.08 -10.95
N THR C 199 15.61 -3.49 -11.40
CA THR C 199 14.35 -4.22 -11.50
C THR C 199 14.37 -5.34 -12.55
N MET C 200 15.00 -5.10 -13.71
CA MET C 200 14.99 -6.11 -14.76
C MET C 200 15.96 -5.76 -15.89
N PHE C 201 16.44 -6.81 -16.61
CA PHE C 201 17.37 -6.55 -17.68
C PHE C 201 17.21 -7.60 -18.77
N GLN C 202 17.60 -7.19 -19.98
CA GLN C 202 17.33 -7.92 -21.19
C GLN C 202 18.63 -7.96 -21.98
N PHE C 203 18.93 -9.15 -22.52
CA PHE C 203 19.96 -9.39 -23.53
C PHE C 203 19.37 -9.37 -24.95
N TYR C 204 20.30 -9.24 -25.89
CA TYR C 204 20.03 -9.09 -27.30
C TYR C 204 21.29 -9.57 -28.03
N VAL C 205 21.11 -10.30 -29.15
CA VAL C 205 22.24 -10.90 -29.88
C VAL C 205 22.13 -10.61 -31.38
N ASN C 206 23.24 -10.20 -31.99
CA ASN C 206 23.40 -10.22 -33.46
C ASN C 206 24.82 -9.82 -33.91
N GLU C 207 25.17 -10.33 -35.11
CA GLU C 207 26.48 -10.30 -35.72
C GLU C 207 27.51 -10.83 -34.71
N GLY C 208 27.04 -11.75 -33.85
CA GLY C 208 27.88 -12.45 -32.88
C GLY C 208 28.19 -11.61 -31.65
N LYS C 209 27.44 -10.52 -31.47
CA LYS C 209 27.70 -9.59 -30.38
C LYS C 209 26.59 -9.67 -29.34
N LEU C 210 26.98 -9.81 -28.07
CA LEU C 210 26.03 -9.85 -26.97
C LEU C 210 25.96 -8.47 -26.35
N SER C 211 24.75 -7.93 -26.27
CA SER C 211 24.54 -6.65 -25.63
C SER C 211 23.63 -6.82 -24.41
N CYS C 212 23.41 -5.77 -23.61
CA CYS C 212 22.58 -5.90 -22.42
C CYS C 212 22.03 -4.53 -21.99
N GLN C 213 20.69 -4.44 -21.85
CA GLN C 213 20.05 -3.26 -21.31
C GLN C 213 19.52 -3.57 -19.91
N LEU C 214 19.82 -2.66 -18.96
CA LEU C 214 19.39 -2.74 -17.56
C LEU C 214 18.40 -1.61 -17.27
N TYR C 215 17.25 -1.97 -16.71
CA TYR C 215 16.33 -0.95 -16.24
C TYR C 215 16.47 -0.79 -14.72
N GLN C 216 16.84 0.42 -14.30
CA GLN C 216 17.17 0.67 -12.91
C GLN C 216 16.27 1.78 -12.36
N ARG C 217 15.29 1.40 -11.52
CA ARG C 217 14.20 2.27 -11.05
C ARG C 217 14.67 3.38 -10.10
N SER C 218 15.85 3.17 -9.49
CA SER C 218 16.40 4.14 -8.56
C SER C 218 17.93 4.09 -8.63
N ALA C 219 18.53 5.28 -8.76
CA ALA C 219 19.93 5.39 -9.13
C ALA C 219 20.59 6.52 -8.37
N ASP C 220 21.47 6.14 -7.43
CA ASP C 220 22.36 7.03 -6.70
C ASP C 220 23.51 7.43 -7.63
N VAL C 221 23.38 8.61 -8.25
CA VAL C 221 24.25 8.99 -9.35
C VAL C 221 25.74 9.03 -8.95
N PHE C 222 26.09 9.68 -7.84
CA PHE C 222 27.51 9.77 -7.56
C PHE C 222 28.08 8.45 -7.07
N LEU C 223 27.29 7.71 -6.28
CA LEU C 223 27.80 6.55 -5.55
C LEU C 223 27.40 5.26 -6.26
N GLY C 224 26.11 5.00 -6.38
CA GLY C 224 25.68 3.75 -6.98
C GLY C 224 26.21 3.57 -8.39
N VAL C 225 25.86 4.50 -9.28
CA VAL C 225 25.97 4.31 -10.72
C VAL C 225 27.36 3.84 -11.15
N PRO C 226 28.49 4.40 -10.66
CA PRO C 226 29.82 3.87 -10.94
C PRO C 226 29.88 2.37 -10.71
N PHE C 227 29.39 1.94 -9.53
CA PHE C 227 29.31 0.54 -9.18
C PHE C 227 28.40 -0.18 -10.18
N ASN C 228 27.27 0.47 -10.44
CA ASN C 228 26.23 -0.12 -11.25
C ASN C 228 26.75 -0.41 -12.67
N ILE C 229 27.51 0.55 -13.25
CA ILE C 229 27.98 0.49 -14.64
C ILE C 229 28.88 -0.72 -14.79
N ALA C 230 29.75 -0.93 -13.81
CA ALA C 230 30.80 -1.93 -13.94
C ALA C 230 30.20 -3.32 -13.70
N SER C 231 29.26 -3.41 -12.75
CA SER C 231 28.64 -4.66 -12.33
C SER C 231 28.12 -5.39 -13.56
N TYR C 232 27.31 -4.65 -14.33
CA TYR C 232 26.55 -5.20 -15.44
C TYR C 232 27.37 -5.28 -16.73
N ALA C 233 28.51 -4.60 -16.83
CA ALA C 233 29.43 -4.81 -17.94
C ALA C 233 30.18 -6.12 -17.74
N LEU C 234 30.57 -6.40 -16.48
CA LEU C 234 31.21 -7.65 -16.10
C LEU C 234 30.26 -8.79 -16.45
N LEU C 235 28.98 -8.63 -16.05
CA LEU C 235 27.96 -9.63 -16.31
C LEU C 235 27.82 -9.92 -17.79
N THR C 236 27.81 -8.87 -18.64
CA THR C 236 27.69 -9.00 -20.08
C THR C 236 28.92 -9.70 -20.67
N HIS C 237 30.11 -9.53 -20.03
CA HIS C 237 31.34 -10.16 -20.51
C HIS C 237 31.47 -11.60 -20.04
N LEU C 238 30.84 -11.89 -18.89
CA LEU C 238 30.77 -13.23 -18.30
C LEU C 238 29.79 -14.07 -19.10
N ILE C 239 28.56 -13.55 -19.30
CA ILE C 239 27.58 -14.19 -20.16
C ILE C 239 28.17 -14.39 -21.56
N ALA C 240 28.79 -13.35 -22.12
CA ALA C 240 29.47 -13.43 -23.42
C ALA C 240 30.36 -14.68 -23.50
N HIS C 241 31.29 -14.78 -22.55
CA HIS C 241 32.28 -15.85 -22.49
C HIS C 241 31.58 -17.21 -22.53
N GLU C 242 30.59 -17.37 -21.65
CA GLU C 242 29.91 -18.63 -21.37
C GLU C 242 29.02 -19.10 -22.53
N THR C 243 28.55 -18.19 -23.39
CA THR C 243 27.66 -18.56 -24.50
C THR C 243 28.43 -18.50 -25.81
N GLY C 244 29.74 -18.22 -25.68
CA GLY C 244 30.72 -18.18 -26.76
C GLY C 244 30.46 -17.05 -27.76
N LEU C 245 30.36 -15.81 -27.27
CA LEU C 245 30.05 -14.67 -28.12
C LEU C 245 30.96 -13.51 -27.74
N GLU C 246 30.99 -12.46 -28.59
CA GLU C 246 31.70 -11.22 -28.34
C GLU C 246 30.79 -10.24 -27.59
N VAL C 247 31.39 -9.21 -26.98
CA VAL C 247 30.55 -8.20 -26.37
C VAL C 247 30.14 -7.13 -27.39
N GLY C 248 28.92 -6.60 -27.23
CA GLY C 248 28.48 -5.43 -27.96
C GLY C 248 28.38 -4.23 -27.02
N GLU C 249 27.15 -3.73 -26.80
CA GLU C 249 26.93 -2.56 -25.97
C GLU C 249 26.19 -2.92 -24.67
N PHE C 250 26.55 -2.21 -23.58
CA PHE C 250 25.76 -2.13 -22.37
C PHE C 250 24.91 -0.86 -22.36
N VAL C 251 23.57 -1.03 -22.43
CA VAL C 251 22.60 0.05 -22.42
C VAL C 251 21.91 0.18 -21.06
N HIS C 252 22.05 1.37 -20.43
CA HIS C 252 21.72 1.57 -19.03
C HIS C 252 20.59 2.57 -18.88
N THR C 253 19.37 2.10 -18.51
CA THR C 253 18.21 2.99 -18.44
C THR C 253 17.82 3.23 -17.00
N LEU C 254 17.59 4.51 -16.65
CA LEU C 254 17.26 4.92 -15.28
C LEU C 254 15.82 5.40 -15.27
N GLY C 255 15.12 5.09 -14.16
CA GLY C 255 13.88 5.70 -13.71
C GLY C 255 14.13 6.94 -12.88
N ASP C 256 14.16 6.81 -11.55
CA ASP C 256 14.47 7.94 -10.69
C ASP C 256 15.99 8.08 -10.48
N ALA C 257 16.64 8.92 -11.28
CA ALA C 257 18.06 9.22 -11.15
C ALA C 257 18.27 10.44 -10.27
N HIS C 258 19.00 10.27 -9.15
CA HIS C 258 19.07 11.31 -8.14
C HIS C 258 20.49 11.55 -7.62
N LEU C 259 20.78 12.84 -7.34
CA LEU C 259 22.06 13.25 -6.78
C LEU C 259 21.88 13.78 -5.35
N TYR C 260 22.47 13.08 -4.39
CA TYR C 260 22.38 13.44 -2.99
C TYR C 260 23.00 14.81 -2.77
N GLN C 261 22.41 15.60 -1.85
CA GLN C 261 22.74 16.99 -1.58
C GLN C 261 24.17 17.13 -1.04
N ASN C 262 24.70 16.08 -0.41
CA ASN C 262 26.05 16.13 0.09
C ASN C 262 27.03 15.43 -0.87
N HIS C 263 26.62 15.25 -2.15
CA HIS C 263 27.55 14.78 -3.16
C HIS C 263 27.73 15.85 -4.23
N VAL C 264 27.14 17.03 -4.02
CA VAL C 264 27.11 18.07 -5.05
C VAL C 264 28.52 18.62 -5.31
N GLU C 265 29.32 18.77 -4.23
CA GLU C 265 30.69 19.26 -4.29
C GLU C 265 31.58 18.24 -4.99
N GLN C 266 31.43 16.96 -4.61
CA GLN C 266 32.07 15.80 -5.21
C GLN C 266 31.79 15.70 -6.71
N MET C 267 30.52 15.81 -7.17
CA MET C 267 30.23 15.74 -8.61
C MET C 267 31.06 16.80 -9.30
N GLN C 268 31.03 18.02 -8.73
CA GLN C 268 31.77 19.12 -9.31
C GLN C 268 33.26 18.79 -9.42
N GLU C 269 33.84 18.14 -8.41
CA GLU C 269 35.27 17.83 -8.47
C GLU C 269 35.56 16.94 -9.68
N GLN C 270 34.71 15.93 -9.88
CA GLN C 270 34.86 14.97 -10.96
C GLN C 270 34.79 15.65 -12.33
N LEU C 271 33.87 16.64 -12.49
CA LEU C 271 33.58 17.29 -13.77
C LEU C 271 34.72 18.16 -14.30
N SER C 272 35.72 18.48 -13.45
CA SER C 272 36.83 19.33 -13.85
C SER C 272 38.04 18.49 -14.26
N ARG C 273 37.88 17.17 -14.26
CA ARG C 273 38.97 16.24 -14.56
C ARG C 273 38.82 15.72 -15.98
N GLU C 274 39.97 15.56 -16.66
CA GLU C 274 40.06 15.07 -18.03
C GLU C 274 39.85 13.55 -18.06
N VAL C 275 38.96 13.10 -18.96
CA VAL C 275 38.66 11.70 -19.16
C VAL C 275 39.92 11.03 -19.69
N ARG C 276 40.19 9.80 -19.22
CA ARG C 276 41.24 8.95 -19.77
C ARG C 276 40.59 7.73 -20.41
N SER C 277 41.35 6.93 -21.14
CA SER C 277 40.79 5.74 -21.77
C SER C 277 40.32 4.73 -20.74
N PHE C 278 39.27 3.96 -21.05
CA PHE C 278 38.84 2.88 -20.17
C PHE C 278 39.89 1.78 -20.12
N PRO C 279 40.02 1.00 -19.03
CA PRO C 279 40.83 -0.22 -19.04
C PRO C 279 40.28 -1.37 -19.89
N THR C 280 41.06 -2.44 -19.93
CA THR C 280 40.73 -3.64 -20.71
C THR C 280 40.47 -4.78 -19.72
N LEU C 281 39.43 -5.57 -19.99
CA LEU C 281 39.07 -6.70 -19.15
C LEU C 281 39.75 -7.95 -19.67
N VAL C 282 40.43 -8.68 -18.79
CA VAL C 282 41.01 -9.94 -19.21
C VAL C 282 40.42 -11.05 -18.36
N LEU C 283 39.91 -12.05 -19.09
CA LEU C 283 39.34 -13.26 -18.51
C LEU C 283 40.27 -14.45 -18.79
N ASN C 284 40.35 -15.36 -17.80
CA ASN C 284 41.14 -16.58 -17.82
C ASN C 284 40.61 -17.53 -18.89
N PRO C 285 41.32 -17.66 -20.03
CA PRO C 285 40.77 -18.32 -21.22
C PRO C 285 40.69 -19.85 -21.13
N ASP C 286 41.23 -20.43 -20.06
CA ASP C 286 41.36 -21.89 -19.98
C ASP C 286 40.38 -22.45 -18.96
N LYS C 287 39.42 -21.62 -18.51
CA LYS C 287 38.31 -22.07 -17.67
C LYS C 287 37.03 -22.14 -18.51
N ALA C 288 36.43 -23.35 -18.54
CA ALA C 288 35.35 -23.75 -19.46
C ALA C 288 33.99 -23.12 -19.13
N SER C 289 33.68 -22.91 -17.83
CA SER C 289 32.44 -22.25 -17.45
C SER C 289 32.66 -21.18 -16.38
N VAL C 290 31.84 -20.10 -16.43
CA VAL C 290 31.99 -18.95 -15.52
C VAL C 290 31.38 -19.24 -14.17
N PHE C 291 30.68 -20.37 -14.03
CA PHE C 291 30.17 -20.75 -12.73
C PHE C 291 31.31 -21.32 -11.90
N ASP C 292 32.49 -21.50 -12.52
CA ASP C 292 33.70 -21.96 -11.85
C ASP C 292 34.66 -20.80 -11.54
N PHE C 293 34.32 -19.59 -12.02
CA PHE C 293 35.18 -18.42 -11.97
C PHE C 293 35.33 -17.86 -10.55
N ASP C 294 36.57 -17.62 -10.11
CA ASP C 294 36.82 -16.92 -8.85
C ASP C 294 37.48 -15.58 -9.15
N MET C 295 37.98 -14.91 -8.11
CA MET C 295 38.47 -13.55 -8.25
C MET C 295 39.58 -13.49 -9.31
N GLU C 296 40.55 -14.40 -9.20
CA GLU C 296 41.79 -14.33 -9.95
C GLU C 296 41.54 -14.59 -11.45
N ASP C 297 40.35 -15.09 -11.81
CA ASP C 297 40.03 -15.37 -13.21
C ASP C 297 39.56 -14.10 -13.91
N ILE C 298 39.27 -13.04 -13.13
CA ILE C 298 38.82 -11.77 -13.70
C ILE C 298 39.80 -10.66 -13.33
N LYS C 299 40.58 -10.19 -14.31
CA LYS C 299 41.60 -9.17 -14.06
C LYS C 299 41.34 -7.96 -14.97
N VAL C 300 41.68 -6.77 -14.47
CA VAL C 300 41.53 -5.50 -15.16
C VAL C 300 42.93 -4.92 -15.41
N GLU C 301 43.23 -4.69 -16.70
CA GLU C 301 44.55 -4.24 -17.16
C GLU C 301 44.45 -2.87 -17.81
N GLY C 302 45.32 -1.95 -17.40
CA GLY C 302 45.42 -0.62 -17.97
C GLY C 302 44.50 0.37 -17.24
N TYR C 303 44.20 0.07 -15.97
CA TYR C 303 43.40 0.96 -15.16
C TYR C 303 44.29 2.05 -14.55
N ASP C 304 44.10 3.29 -15.03
CA ASP C 304 44.86 4.46 -14.61
C ASP C 304 43.86 5.57 -14.26
N PRO C 305 43.15 5.48 -13.12
CA PRO C 305 42.24 6.57 -12.71
C PRO C 305 42.89 7.76 -12.04
N HIS C 306 42.09 8.83 -11.90
CA HIS C 306 42.33 9.98 -11.02
C HIS C 306 42.11 9.51 -9.59
N PRO C 307 42.64 10.20 -8.56
CA PRO C 307 42.36 9.81 -7.17
C PRO C 307 40.87 9.68 -6.81
N THR C 308 40.59 8.86 -5.79
CA THR C 308 39.28 8.70 -5.18
C THR C 308 38.70 10.06 -4.80
N ILE C 309 37.36 10.14 -4.75
CA ILE C 309 36.67 11.26 -4.14
C ILE C 309 35.80 10.70 -3.02
N LYS C 310 36.00 11.22 -1.80
CA LYS C 310 35.33 10.71 -0.63
C LYS C 310 33.93 11.34 -0.53
N ALA C 311 32.98 10.57 0.02
CA ALA C 311 31.57 10.95 0.08
C ALA C 311 30.85 10.10 1.13
N PRO C 312 29.94 10.71 1.92
CA PRO C 312 29.00 9.95 2.74
C PRO C 312 28.03 9.06 1.95
N ILE C 313 27.59 7.95 2.57
CA ILE C 313 26.68 7.01 1.93
C ILE C 313 25.23 7.48 2.07
N MET D 1 7.47 14.16 -28.81
CA MET D 1 6.99 14.76 -30.09
C MET D 1 6.78 13.70 -31.17
N GLU D 2 5.91 13.97 -32.15
CA GLU D 2 5.79 13.01 -33.24
C GLU D 2 7.18 12.83 -33.88
N GLU D 3 7.95 13.93 -33.98
CA GLU D 3 9.27 13.89 -34.59
C GLU D 3 10.19 12.85 -33.96
N ALA D 4 9.97 12.51 -32.68
CA ALA D 4 10.76 11.51 -31.95
C ALA D 4 10.49 10.09 -32.45
N TYR D 5 9.19 9.77 -32.67
CA TYR D 5 8.72 8.49 -33.13
C TYR D 5 9.23 8.31 -34.56
N LEU D 6 9.00 9.33 -35.40
CA LEU D 6 9.44 9.35 -36.78
C LEU D 6 10.96 9.23 -36.88
N ALA D 7 11.70 9.90 -36.00
CA ALA D 7 13.15 9.74 -35.98
C ALA D 7 13.59 8.32 -35.61
N LEU D 8 12.79 7.56 -34.82
CA LEU D 8 13.16 6.18 -34.51
C LEU D 8 13.00 5.27 -35.75
N GLY D 9 11.82 5.36 -36.41
CA GLY D 9 11.61 4.71 -37.70
C GLY D 9 12.76 4.95 -38.68
N LYS D 10 13.04 6.23 -38.94
CA LYS D 10 14.10 6.60 -39.87
C LYS D 10 15.34 5.78 -39.51
N LYS D 11 15.70 5.81 -38.21
CA LYS D 11 16.97 5.27 -37.76
C LYS D 11 16.90 3.74 -37.84
N ILE D 12 15.71 3.16 -37.75
CA ILE D 12 15.66 1.72 -37.91
C ILE D 12 15.90 1.34 -39.38
N LEU D 13 15.25 2.06 -40.31
CA LEU D 13 15.37 1.91 -41.76
C LEU D 13 16.84 2.01 -42.14
N GLU D 14 17.50 3.02 -41.58
CA GLU D 14 18.77 3.51 -42.08
C GLU D 14 19.94 2.72 -41.49
N GLU D 15 19.85 2.29 -40.22
CA GLU D 15 20.98 1.55 -39.66
C GLU D 15 20.59 0.37 -38.78
N GLY D 16 19.38 -0.15 -38.93
CA GLY D 16 19.02 -1.38 -38.25
C GLY D 16 19.67 -2.58 -38.95
N HIS D 17 20.03 -3.58 -38.14
CA HIS D 17 20.62 -4.82 -38.62
C HIS D 17 19.48 -5.78 -38.93
N PHE D 18 19.61 -6.49 -40.06
CA PHE D 18 18.62 -7.47 -40.44
C PHE D 18 18.68 -8.57 -39.41
N LYS D 19 17.49 -9.06 -39.05
CA LYS D 19 17.35 -9.97 -37.95
C LYS D 19 16.19 -10.93 -38.21
N GLU D 20 16.44 -12.23 -38.03
CA GLU D 20 15.41 -13.26 -38.12
C GLU D 20 14.62 -13.24 -36.81
N ASP D 21 13.28 -13.28 -36.92
CA ASP D 21 12.40 -13.18 -35.76
C ASP D 21 11.50 -14.42 -35.68
N ARG D 22 10.97 -14.66 -34.48
CA ARG D 22 10.09 -15.75 -34.10
C ARG D 22 9.03 -16.00 -35.18
N THR D 23 8.60 -14.95 -35.91
CA THR D 23 7.49 -15.07 -36.84
C THR D 23 7.99 -15.44 -38.24
N GLY D 24 9.31 -15.41 -38.42
CA GLY D 24 9.96 -15.87 -39.65
C GLY D 24 9.85 -14.89 -40.83
N THR D 25 9.45 -13.66 -40.53
CA THR D 25 9.19 -12.63 -41.51
C THR D 25 10.46 -11.83 -41.80
N GLY D 26 11.29 -11.62 -40.77
CA GLY D 26 12.48 -10.81 -40.93
C GLY D 26 12.30 -9.33 -40.60
N THR D 27 13.27 -8.78 -39.86
CA THR D 27 13.19 -7.43 -39.30
C THR D 27 14.49 -6.66 -39.45
N TYR D 28 14.37 -5.34 -39.40
CA TYR D 28 15.51 -4.46 -39.18
C TYR D 28 15.30 -3.91 -37.77
N SER D 29 16.41 -3.77 -37.02
CA SER D 29 16.29 -3.81 -35.58
C SER D 29 17.38 -2.97 -34.90
N LEU D 30 17.01 -2.28 -33.80
CA LEU D 30 17.95 -1.63 -32.89
C LEU D 30 17.75 -2.21 -31.48
N PHE D 31 18.74 -1.99 -30.60
CA PHE D 31 18.62 -2.31 -29.18
C PHE D 31 19.01 -1.19 -28.24
N GLY D 32 18.06 -0.78 -27.39
CA GLY D 32 18.26 0.38 -26.53
C GLY D 32 17.95 1.67 -27.29
N TYR D 33 16.84 2.32 -26.88
CA TYR D 33 16.30 3.57 -27.40
C TYR D 33 15.37 4.15 -26.33
N GLN D 34 15.14 5.48 -26.41
CA GLN D 34 14.29 6.26 -25.51
C GLN D 34 13.66 7.48 -26.22
N MET D 35 12.36 7.69 -26.02
CA MET D 35 11.60 8.78 -26.62
C MET D 35 10.78 9.48 -25.53
N ARG D 36 10.81 10.82 -25.52
CA ARG D 36 10.00 11.58 -24.58
C ARG D 36 8.87 12.31 -25.30
N PHE D 37 7.65 12.26 -24.72
CA PHE D 37 6.58 13.14 -25.15
C PHE D 37 6.15 13.96 -23.93
N ASP D 38 6.05 15.29 -24.09
CA ASP D 38 5.31 16.10 -23.15
C ASP D 38 3.83 16.08 -23.53
N LEU D 39 3.00 15.65 -22.57
CA LEU D 39 1.59 15.39 -22.80
C LEU D 39 0.82 16.70 -22.81
N ALA D 40 1.44 17.74 -22.21
CA ALA D 40 0.85 19.07 -22.19
C ALA D 40 1.00 19.75 -23.56
N LYS D 41 1.82 19.14 -24.43
CA LYS D 41 2.00 19.67 -25.79
C LYS D 41 1.10 18.94 -26.80
N GLY D 42 0.05 18.24 -26.32
CA GLY D 42 -0.89 17.50 -27.15
C GLY D 42 -0.96 16.03 -26.76
N PHE D 43 -2.10 15.39 -27.03
CA PHE D 43 -2.20 13.95 -26.77
C PHE D 43 -1.58 13.17 -27.93
N PRO D 44 -0.47 12.41 -27.69
CA PRO D 44 0.29 11.77 -28.78
C PRO D 44 -0.34 10.63 -29.56
N LEU D 45 -1.54 10.86 -30.12
CA LEU D 45 -2.05 10.07 -31.23
C LEU D 45 -1.36 10.57 -32.49
N LEU D 46 -0.93 9.67 -33.40
CA LEU D 46 -0.06 10.09 -34.48
C LEU D 46 -0.83 10.77 -35.60
N THR D 47 -0.19 11.75 -36.24
CA THR D 47 -0.87 12.52 -37.28
C THR D 47 -0.53 12.06 -38.70
N THR D 48 0.68 11.48 -38.88
CA THR D 48 1.26 11.12 -40.17
C THR D 48 0.60 9.87 -40.75
N LYS D 49 -0.17 9.17 -39.90
CA LYS D 49 -1.08 8.12 -40.28
C LYS D 49 -2.27 8.15 -39.31
N ARG D 50 -3.47 7.84 -39.84
CA ARG D 50 -4.66 7.68 -39.02
C ARG D 50 -4.54 6.41 -38.16
N VAL D 51 -4.66 6.64 -36.86
CA VAL D 51 -4.56 5.64 -35.82
C VAL D 51 -5.93 5.58 -35.16
N PRO D 52 -6.58 4.39 -35.15
CA PRO D 52 -7.94 4.25 -34.66
C PRO D 52 -7.91 4.24 -33.13
N PHE D 53 -8.44 5.35 -32.57
CA PHE D 53 -8.32 5.65 -31.14
C PHE D 53 -9.30 4.78 -30.36
N GLY D 54 -10.37 4.37 -31.03
CA GLY D 54 -11.36 3.49 -30.40
C GLY D 54 -10.73 2.16 -29.98
N LEU D 55 -9.90 1.59 -30.87
CA LEU D 55 -9.24 0.33 -30.61
C LEU D 55 -8.20 0.50 -29.49
N ILE D 56 -7.70 1.72 -29.33
CA ILE D 56 -6.81 1.96 -28.22
C ILE D 56 -7.65 2.01 -26.94
N LYS D 57 -8.80 2.73 -26.93
CA LYS D 57 -9.52 2.90 -25.67
C LYS D 57 -10.17 1.60 -25.21
N SER D 58 -10.57 0.72 -26.14
CA SER D 58 -11.14 -0.57 -25.75
C SER D 58 -10.04 -1.54 -25.30
N GLU D 59 -8.86 -1.54 -25.96
CA GLU D 59 -7.79 -2.42 -25.53
C GLU D 59 -7.38 -2.04 -24.10
N LEU D 60 -7.38 -0.74 -23.78
CA LEU D 60 -6.91 -0.30 -22.49
C LEU D 60 -7.93 -0.63 -21.41
N LEU D 61 -9.23 -0.41 -21.73
CA LEU D 61 -10.34 -0.66 -20.84
C LEU D 61 -10.34 -2.13 -20.50
N TRP D 62 -10.22 -2.94 -21.56
CA TRP D 62 -10.04 -4.38 -21.48
C TRP D 62 -8.87 -4.67 -20.55
N PHE D 63 -7.74 -4.02 -20.79
CA PHE D 63 -6.64 -4.11 -19.83
C PHE D 63 -7.16 -3.83 -18.41
N LEU D 64 -7.68 -2.63 -18.17
CA LEU D 64 -7.96 -2.20 -16.80
C LEU D 64 -8.90 -3.14 -16.04
N LYS D 65 -9.93 -3.73 -16.67
CA LYS D 65 -10.88 -4.49 -15.86
C LYS D 65 -10.42 -5.92 -15.62
N GLY D 66 -9.19 -6.26 -16.03
CA GLY D 66 -8.53 -7.50 -15.66
C GLY D 66 -8.71 -8.65 -16.67
N ASP D 67 -9.46 -8.36 -17.73
CA ASP D 67 -9.91 -9.34 -18.70
C ASP D 67 -8.74 -9.84 -19.55
N THR D 68 -8.77 -11.14 -19.90
CA THR D 68 -7.77 -11.67 -20.80
C THR D 68 -8.41 -12.48 -21.92
N ASN D 69 -9.74 -12.35 -22.07
CA ASN D 69 -10.59 -13.02 -23.05
C ASN D 69 -10.94 -12.03 -24.17
N ILE D 70 -10.80 -12.42 -25.44
CA ILE D 70 -11.00 -11.48 -26.53
C ILE D 70 -12.49 -11.18 -26.78
N ARG D 71 -13.38 -11.74 -25.95
CA ARG D 71 -14.82 -11.61 -26.18
C ARG D 71 -15.28 -10.17 -25.99
N TYR D 72 -14.66 -9.50 -25.01
CA TYR D 72 -14.98 -8.10 -24.72
C TYR D 72 -14.55 -7.25 -25.90
N LEU D 73 -13.38 -7.61 -26.48
CA LEU D 73 -12.84 -6.90 -27.62
C LEU D 73 -13.75 -6.96 -28.85
N LEU D 74 -14.29 -8.15 -29.15
CA LEU D 74 -15.06 -8.35 -30.36
C LEU D 74 -16.42 -7.66 -30.27
N GLU D 75 -16.95 -7.56 -29.03
CA GLU D 75 -18.24 -6.90 -28.84
C GLU D 75 -18.09 -5.41 -29.17
N ARG D 76 -16.85 -4.93 -29.28
CA ARG D 76 -16.57 -3.54 -29.55
C ARG D 76 -15.80 -3.42 -30.86
N ASN D 77 -15.73 -4.56 -31.58
CA ASN D 77 -15.16 -4.62 -32.92
C ASN D 77 -13.67 -4.28 -32.91
N ASN D 78 -12.98 -4.68 -31.83
CA ASN D 78 -11.53 -4.67 -31.80
C ASN D 78 -11.09 -6.08 -32.20
N HIS D 79 -10.43 -6.23 -33.35
CA HIS D 79 -9.92 -7.53 -33.75
C HIS D 79 -8.40 -7.67 -33.59
N ILE D 80 -7.76 -6.71 -32.91
CA ILE D 80 -6.32 -6.67 -32.95
C ILE D 80 -5.72 -7.89 -32.25
N TRP D 81 -6.48 -8.57 -31.36
CA TRP D 81 -5.95 -9.70 -30.60
C TRP D 81 -6.30 -11.09 -31.15
N ASP D 82 -7.13 -11.13 -32.22
CA ASP D 82 -7.76 -12.32 -32.78
C ASP D 82 -6.78 -13.47 -33.05
N GLU D 83 -5.72 -13.17 -33.84
CA GLU D 83 -4.82 -14.13 -34.46
C GLU D 83 -4.23 -15.12 -33.46
N TRP D 84 -4.04 -14.68 -32.20
CA TRP D 84 -3.32 -15.48 -31.23
C TRP D 84 -4.26 -16.42 -30.50
N ALA D 85 -5.51 -15.97 -30.38
CA ALA D 85 -6.61 -16.83 -29.97
C ALA D 85 -6.89 -17.80 -31.11
N PHE D 86 -6.99 -17.26 -32.33
CA PHE D 86 -7.22 -18.11 -33.49
C PHE D 86 -6.18 -19.22 -33.62
N GLU D 87 -4.89 -18.88 -33.43
CA GLU D 87 -3.79 -19.81 -33.63
C GLU D 87 -3.85 -20.92 -32.58
N ARG D 88 -4.25 -20.54 -31.35
CA ARG D 88 -4.36 -21.48 -30.24
C ARG D 88 -5.43 -22.51 -30.55
N TYR D 89 -6.51 -22.05 -31.16
CA TYR D 89 -7.67 -22.86 -31.53
C TYR D 89 -7.27 -23.91 -32.57
N VAL D 90 -6.67 -23.44 -33.67
CA VAL D 90 -6.39 -24.33 -34.79
C VAL D 90 -5.42 -25.40 -34.31
N LYS D 91 -4.62 -25.07 -33.31
CA LYS D 91 -3.55 -25.94 -32.85
C LYS D 91 -4.08 -26.91 -31.79
N SER D 92 -5.42 -27.03 -31.65
CA SER D 92 -5.99 -27.87 -30.60
C SER D 92 -6.84 -28.98 -31.21
N ALA D 93 -7.25 -29.92 -30.34
CA ALA D 93 -7.93 -31.15 -30.74
C ALA D 93 -9.31 -30.87 -31.33
N ASP D 94 -9.85 -29.70 -30.99
CA ASP D 94 -11.23 -29.32 -31.21
C ASP D 94 -11.46 -28.88 -32.65
N TYR D 95 -10.38 -28.53 -33.36
CA TYR D 95 -10.57 -27.90 -34.66
C TYR D 95 -10.41 -28.91 -35.80
N GLN D 96 -11.45 -28.94 -36.66
CA GLN D 96 -11.54 -29.94 -37.74
C GLN D 96 -11.50 -29.36 -39.16
N GLY D 97 -11.69 -28.05 -39.30
CA GLY D 97 -11.68 -27.41 -40.63
C GLY D 97 -10.34 -27.51 -41.37
N PRO D 98 -10.13 -26.69 -42.43
CA PRO D 98 -8.92 -26.75 -43.26
C PRO D 98 -7.62 -26.45 -42.51
N ASP D 99 -6.49 -26.98 -43.01
CA ASP D 99 -5.16 -26.80 -42.43
C ASP D 99 -4.81 -25.32 -42.31
N MET D 100 -4.13 -24.96 -41.21
CA MET D 100 -3.84 -23.57 -40.87
C MET D 100 -2.38 -23.35 -40.50
N THR D 101 -1.50 -24.31 -40.77
CA THR D 101 -0.08 -24.12 -40.55
C THR D 101 0.40 -22.90 -41.34
N ASP D 102 1.16 -22.02 -40.66
CA ASP D 102 1.83 -20.83 -41.18
C ASP D 102 0.88 -19.81 -41.81
N PHE D 103 -0.33 -19.67 -41.26
CA PHE D 103 -1.38 -18.83 -41.85
C PHE D 103 -0.97 -17.35 -41.93
N GLY D 104 -0.01 -16.92 -41.08
CA GLY D 104 0.41 -15.53 -41.05
C GLY D 104 1.15 -15.13 -42.31
N HIS D 105 1.94 -16.09 -42.83
CA HIS D 105 2.77 -15.95 -44.01
C HIS D 105 2.02 -16.42 -45.27
N ARG D 106 1.00 -17.29 -45.11
CA ARG D 106 0.38 -17.96 -46.25
C ARG D 106 -0.78 -17.15 -46.84
N VAL D 107 -1.39 -16.26 -46.05
CA VAL D 107 -2.51 -15.45 -46.56
C VAL D 107 -1.98 -14.29 -47.39
N LEU D 108 -0.67 -14.10 -47.38
CA LEU D 108 -0.10 -13.04 -48.20
C LEU D 108 0.21 -13.64 -49.56
N GLN D 109 0.75 -14.87 -49.58
CA GLN D 109 1.23 -15.47 -50.82
C GLN D 109 0.08 -16.06 -51.66
N ASP D 110 -0.86 -16.75 -50.98
CA ASP D 110 -1.87 -17.55 -51.65
C ASP D 110 -3.23 -16.85 -51.62
N PRO D 111 -3.83 -16.48 -52.77
CA PRO D 111 -5.15 -15.87 -52.81
C PRO D 111 -6.31 -16.78 -52.40
N ALA D 112 -6.28 -18.05 -52.88
CA ALA D 112 -7.32 -19.03 -52.60
C ALA D 112 -7.35 -19.34 -51.10
N PHE D 113 -6.17 -19.60 -50.51
CA PHE D 113 -6.04 -19.92 -49.10
C PHE D 113 -6.51 -18.76 -48.20
N ALA D 114 -6.17 -17.53 -48.61
CA ALA D 114 -6.54 -16.35 -47.86
C ALA D 114 -8.06 -16.31 -47.63
N GLU D 115 -8.81 -16.86 -48.59
CA GLU D 115 -10.28 -16.84 -48.55
C GLU D 115 -10.76 -17.87 -47.53
N GLN D 116 -10.08 -19.02 -47.50
CA GLN D 116 -10.33 -20.05 -46.51
C GLN D 116 -10.18 -19.46 -45.11
N TYR D 117 -9.05 -18.76 -44.91
CA TYR D 117 -8.65 -18.20 -43.63
C TYR D 117 -9.75 -17.27 -43.10
N LYS D 118 -10.29 -16.45 -43.99
CA LYS D 118 -11.37 -15.52 -43.66
C LYS D 118 -12.61 -16.28 -43.19
N GLU D 119 -12.97 -17.35 -43.91
CA GLU D 119 -14.16 -18.13 -43.59
C GLU D 119 -14.06 -18.64 -42.16
N GLU D 120 -12.92 -19.26 -41.85
CA GLU D 120 -12.69 -19.95 -40.59
C GLU D 120 -12.53 -18.95 -39.44
N HIS D 121 -11.99 -17.78 -39.78
CA HIS D 121 -11.83 -16.65 -38.88
C HIS D 121 -13.21 -16.16 -38.47
N GLN D 122 -14.07 -15.96 -39.48
CA GLN D 122 -15.43 -15.46 -39.32
C GLN D 122 -16.24 -16.46 -38.50
N LYS D 123 -16.09 -17.75 -38.79
CA LYS D 123 -16.70 -18.78 -37.97
C LYS D 123 -16.22 -18.62 -36.51
N PHE D 124 -14.89 -18.70 -36.29
CA PHE D 124 -14.26 -18.52 -34.99
C PHE D 124 -14.84 -17.30 -34.26
N CYS D 125 -14.75 -16.12 -34.89
CA CYS D 125 -15.23 -14.89 -34.28
C CYS D 125 -16.68 -14.98 -33.82
N ASP D 126 -17.54 -15.66 -34.60
CA ASP D 126 -18.98 -15.75 -34.34
C ASP D 126 -19.26 -16.75 -33.23
N ALA D 127 -18.53 -17.87 -33.26
CA ALA D 127 -18.47 -18.79 -32.14
C ALA D 127 -18.18 -18.13 -30.76
N ILE D 128 -16.98 -17.51 -30.60
CA ILE D 128 -16.64 -16.71 -29.42
C ILE D 128 -17.81 -15.84 -28.93
N LEU D 129 -18.61 -15.27 -29.85
CA LEU D 129 -19.65 -14.31 -29.51
C LEU D 129 -20.92 -14.98 -28.97
N ASN D 130 -21.24 -16.19 -29.45
CA ASN D 130 -22.60 -16.70 -29.31
C ASN D 130 -22.68 -18.11 -28.72
N ASP D 131 -21.58 -18.62 -28.14
CA ASP D 131 -21.58 -19.86 -27.38
C ASP D 131 -20.62 -19.75 -26.21
N ALA D 132 -21.15 -19.66 -25.00
CA ALA D 132 -20.37 -19.31 -23.82
C ALA D 132 -19.22 -20.29 -23.54
N GLU D 133 -19.39 -21.60 -23.82
CA GLU D 133 -18.36 -22.61 -23.55
C GLU D 133 -17.19 -22.46 -24.52
N PHE D 134 -17.52 -22.28 -25.80
CA PHE D 134 -16.50 -21.96 -26.79
C PHE D 134 -15.62 -20.81 -26.29
N ALA D 135 -16.28 -19.65 -26.10
CA ALA D 135 -15.72 -18.38 -25.66
C ALA D 135 -14.83 -18.57 -24.44
N GLU D 136 -15.21 -19.51 -23.59
CA GLU D 136 -14.52 -19.67 -22.32
C GLU D 136 -13.22 -20.41 -22.55
N LYS D 137 -13.15 -21.24 -23.58
CA LYS D 137 -11.96 -22.06 -23.78
C LYS D 137 -11.11 -21.47 -24.89
N TYR D 138 -11.74 -20.76 -25.83
CA TYR D 138 -10.97 -20.33 -26.99
C TYR D 138 -10.84 -18.82 -27.10
N GLY D 139 -11.49 -18.09 -26.18
CA GLY D 139 -11.26 -16.67 -26.06
C GLY D 139 -10.00 -16.39 -25.26
N GLU D 140 -9.51 -17.38 -24.50
CA GLU D 140 -8.66 -17.17 -23.32
C GLU D 140 -7.16 -17.15 -23.62
N LEU D 141 -6.57 -15.96 -23.64
CA LEU D 141 -5.18 -15.82 -24.05
C LEU D 141 -4.25 -16.13 -22.87
N GLY D 142 -4.81 -16.44 -21.69
CA GLY D 142 -3.97 -16.65 -20.54
C GLY D 142 -3.54 -15.33 -19.88
N ASN D 143 -2.49 -15.42 -19.04
CA ASN D 143 -2.21 -14.44 -18.00
C ASN D 143 -1.41 -13.31 -18.63
N ILE D 144 -2.06 -12.55 -19.51
CA ILE D 144 -1.44 -11.39 -20.12
C ILE D 144 -1.80 -10.17 -19.27
N TYR D 145 -1.50 -8.97 -19.82
CA TYR D 145 -1.54 -7.68 -19.12
C TYR D 145 -2.62 -7.64 -18.04
N GLY D 146 -3.85 -7.95 -18.45
CA GLY D 146 -4.98 -7.70 -17.57
C GLY D 146 -4.81 -8.39 -16.24
N ALA D 147 -4.29 -9.61 -16.29
CA ALA D 147 -4.23 -10.51 -15.16
C ALA D 147 -3.11 -10.03 -14.28
N GLN D 148 -2.03 -9.53 -14.88
CA GLN D 148 -0.87 -9.18 -14.07
C GLN D 148 -1.05 -7.77 -13.53
N TRP D 149 -1.96 -6.99 -14.12
CA TRP D 149 -2.21 -5.64 -13.66
C TRP D 149 -3.08 -5.68 -12.40
N ARG D 150 -4.02 -6.65 -12.36
CA ARG D 150 -5.18 -6.63 -11.48
C ARG D 150 -5.19 -7.87 -10.57
N HIS D 151 -4.55 -8.94 -11.02
CA HIS D 151 -4.76 -10.25 -10.41
C HIS D 151 -3.46 -11.07 -10.45
N TRP D 152 -2.33 -10.55 -9.94
CA TRP D 152 -1.10 -11.30 -9.94
C TRP D 152 -1.19 -12.36 -8.84
N GLU D 153 -1.21 -13.63 -9.22
CA GLU D 153 -1.59 -14.70 -8.30
C GLU D 153 -0.42 -14.95 -7.37
N THR D 154 -0.74 -15.11 -6.07
CA THR D 154 0.24 -15.25 -4.99
C THR D 154 0.42 -16.73 -4.68
N LYS D 155 1.55 -17.04 -4.04
CA LYS D 155 1.98 -18.39 -3.66
C LYS D 155 1.08 -18.95 -2.58
N ASP D 156 0.47 -18.08 -1.77
CA ASP D 156 -0.42 -18.46 -0.68
C ASP D 156 -1.87 -18.18 -1.07
N GLY D 157 -2.29 -18.61 -2.28
CA GLY D 157 -3.69 -18.82 -2.65
C GLY D 157 -4.48 -17.56 -3.08
N SER D 158 -3.85 -16.38 -3.01
CA SER D 158 -4.54 -15.14 -3.31
C SER D 158 -3.98 -14.50 -4.58
N PHE D 159 -4.15 -13.17 -4.73
CA PHE D 159 -3.81 -12.40 -5.92
C PHE D 159 -3.56 -10.93 -5.55
N ILE D 160 -2.79 -10.20 -6.36
CA ILE D 160 -2.40 -8.83 -6.04
C ILE D 160 -2.97 -7.86 -7.08
N ASP D 161 -3.54 -6.73 -6.60
CA ASP D 161 -4.18 -5.74 -7.47
C ASP D 161 -3.18 -4.65 -7.85
N GLN D 162 -2.20 -4.99 -8.68
CA GLN D 162 -0.97 -4.23 -8.85
C GLN D 162 -1.19 -2.78 -9.32
N LEU D 163 -2.12 -2.56 -10.27
CA LEU D 163 -2.45 -1.21 -10.67
C LEU D 163 -3.01 -0.42 -9.48
N ALA D 164 -4.19 -0.82 -8.98
CA ALA D 164 -4.82 -0.16 -7.84
C ALA D 164 -3.76 0.28 -6.83
N ASN D 165 -2.91 -0.67 -6.42
CA ASN D 165 -1.91 -0.44 -5.38
C ASN D 165 -1.04 0.76 -5.74
N VAL D 166 -0.64 0.86 -7.02
CA VAL D 166 0.31 1.86 -7.48
C VAL D 166 -0.38 3.22 -7.56
N ILE D 167 -1.64 3.18 -8.01
CA ILE D 167 -2.50 4.35 -8.08
C ILE D 167 -2.65 4.97 -6.69
N GLU D 168 -2.79 4.11 -5.66
CA GLU D 168 -2.99 4.53 -4.28
C GLU D 168 -1.70 5.08 -3.66
N MET D 169 -0.55 4.45 -3.99
CA MET D 169 0.77 4.94 -3.58
C MET D 169 1.03 6.35 -4.12
N ILE D 170 0.62 6.60 -5.38
CA ILE D 170 0.82 7.91 -5.96
C ILE D 170 0.16 8.93 -5.03
N LYS D 171 -1.01 8.55 -4.49
CA LYS D 171 -1.84 9.47 -3.71
C LYS D 171 -1.15 9.84 -2.40
N THR D 172 -0.49 8.87 -1.75
CA THR D 172 -0.09 9.06 -0.36
C THR D 172 1.43 9.08 -0.21
N ASN D 173 2.13 8.50 -1.19
CA ASN D 173 3.58 8.43 -1.17
C ASN D 173 4.08 8.76 -2.58
N PRO D 174 3.91 10.02 -3.08
CA PRO D 174 4.21 10.36 -4.47
C PRO D 174 5.69 10.41 -4.85
N ASP D 175 6.57 10.42 -3.83
CA ASP D 175 8.01 10.52 -4.04
C ASP D 175 8.65 9.16 -3.85
N SER D 176 7.83 8.11 -3.85
CA SER D 176 8.30 6.73 -3.83
C SER D 176 9.05 6.43 -5.12
N ARG D 177 10.13 5.66 -4.97
CA ARG D 177 10.83 5.11 -6.12
C ARG D 177 10.40 3.66 -6.33
N ARG D 178 9.17 3.34 -5.95
CA ARG D 178 8.66 1.99 -6.04
C ARG D 178 7.32 2.05 -6.77
N LEU D 179 7.00 3.14 -7.45
CA LEU D 179 5.67 3.18 -8.03
C LEU D 179 5.73 2.37 -9.30
N ILE D 180 5.85 1.04 -9.14
CA ILE D 180 6.20 0.15 -10.24
C ILE D 180 5.11 -0.91 -10.51
N VAL D 181 4.72 -1.06 -11.77
CA VAL D 181 3.85 -2.18 -12.11
C VAL D 181 4.55 -3.04 -13.13
N SER D 182 4.47 -4.36 -12.93
CA SER D 182 5.17 -5.27 -13.82
C SER D 182 4.24 -6.32 -14.42
N ALA D 183 4.38 -6.53 -15.73
CA ALA D 183 3.66 -7.64 -16.34
C ALA D 183 4.54 -8.89 -16.38
N TRP D 184 5.83 -8.77 -16.03
CA TRP D 184 6.74 -9.86 -16.34
C TRP D 184 6.75 -10.90 -15.21
N ASN D 185 5.90 -11.93 -15.36
CA ASN D 185 5.81 -12.98 -14.37
C ASN D 185 6.49 -14.23 -14.89
N PRO D 186 7.71 -14.55 -14.41
CA PRO D 186 8.37 -15.79 -14.77
C PRO D 186 7.47 -17.03 -14.76
N GLU D 187 6.46 -17.01 -13.89
CA GLU D 187 5.64 -18.18 -13.64
C GLU D 187 4.77 -18.43 -14.85
N ASP D 188 4.13 -17.36 -15.33
CA ASP D 188 3.04 -17.49 -16.26
C ASP D 188 3.53 -17.26 -17.69
N VAL D 189 4.83 -17.00 -17.88
CA VAL D 189 5.34 -16.52 -19.16
C VAL D 189 5.30 -17.60 -20.24
N PRO D 190 5.50 -18.90 -19.90
CA PRO D 190 5.30 -19.98 -20.87
C PRO D 190 3.89 -20.31 -21.35
N SER D 191 2.83 -19.81 -20.69
CA SER D 191 1.44 -20.15 -21.04
C SER D 191 0.62 -19.00 -21.64
N MET D 192 1.13 -17.76 -21.50
CA MET D 192 0.65 -16.61 -22.23
C MET D 192 0.84 -16.86 -23.72
N ALA D 193 -0.10 -16.36 -24.54
CA ALA D 193 0.01 -16.43 -25.98
C ALA D 193 1.32 -15.78 -26.41
N LEU D 194 1.43 -14.46 -26.18
CA LEU D 194 2.70 -13.75 -26.29
C LEU D 194 3.12 -13.31 -24.90
N PRO D 195 4.41 -13.40 -24.50
CA PRO D 195 4.87 -12.72 -23.30
C PRO D 195 4.61 -11.22 -23.45
N PRO D 196 4.44 -10.45 -22.34
CA PRO D 196 4.15 -9.02 -22.44
C PRO D 196 5.32 -8.24 -23.04
N CYS D 197 5.05 -7.41 -24.04
CA CYS D 197 6.11 -6.67 -24.74
C CYS D 197 6.46 -5.40 -23.99
N HIS D 198 5.43 -4.54 -23.75
CA HIS D 198 5.39 -3.51 -22.73
C HIS D 198 5.35 -4.14 -21.33
N THR D 199 6.51 -4.18 -20.70
CA THR D 199 6.86 -5.19 -19.72
C THR D 199 6.60 -4.66 -18.32
N MET D 200 7.00 -3.41 -18.10
CA MET D 200 7.00 -2.89 -16.76
C MET D 200 6.99 -1.37 -16.87
N PHE D 201 6.25 -0.70 -15.99
CA PHE D 201 6.24 0.75 -16.06
C PHE D 201 6.38 1.32 -14.66
N GLN D 202 6.89 2.54 -14.58
CA GLN D 202 7.23 3.27 -13.36
C GLN D 202 6.55 4.65 -13.43
N PHE D 203 6.17 5.21 -12.25
CA PHE D 203 5.68 6.59 -12.17
C PHE D 203 6.61 7.48 -11.35
N TYR D 204 6.61 8.77 -11.74
CA TYR D 204 7.29 9.86 -11.06
C TYR D 204 6.30 11.02 -10.81
N VAL D 205 6.44 11.72 -9.69
CA VAL D 205 5.73 13.00 -9.47
C VAL D 205 6.76 14.09 -9.16
N ASN D 206 6.61 15.25 -9.80
CA ASN D 206 7.33 16.42 -9.34
C ASN D 206 6.46 17.65 -9.66
N GLU D 207 6.51 18.61 -8.72
CA GLU D 207 5.70 19.81 -8.74
C GLU D 207 4.33 19.55 -9.37
N GLY D 208 3.66 18.47 -8.94
CA GLY D 208 2.22 18.36 -9.12
C GLY D 208 1.79 17.84 -10.49
N LYS D 209 2.76 17.30 -11.25
CA LYS D 209 2.55 16.68 -12.55
C LYS D 209 3.04 15.23 -12.46
N LEU D 210 2.29 14.30 -13.06
CA LEU D 210 2.64 12.88 -13.09
C LEU D 210 3.33 12.51 -14.41
N SER D 211 4.48 11.82 -14.30
CA SER D 211 5.15 11.27 -15.45
C SER D 211 5.19 9.75 -15.38
N CYS D 212 5.54 9.11 -16.50
CA CYS D 212 5.47 7.68 -16.61
C CYS D 212 6.51 7.13 -17.59
N GLN D 213 7.30 6.13 -17.18
CA GLN D 213 8.25 5.45 -18.04
C GLN D 213 7.90 3.97 -18.21
N LEU D 214 7.83 3.54 -19.47
CA LEU D 214 7.46 2.18 -19.83
C LEU D 214 8.70 1.46 -20.36
N TYR D 215 8.93 0.22 -19.92
CA TYR D 215 10.03 -0.56 -20.46
C TYR D 215 9.46 -1.59 -21.42
N GLN D 216 9.86 -1.44 -22.69
CA GLN D 216 9.33 -2.27 -23.76
C GLN D 216 10.45 -3.16 -24.29
N ARG D 217 10.33 -4.46 -23.98
CA ARG D 217 11.34 -5.45 -24.33
C ARG D 217 11.38 -5.66 -25.85
N SER D 218 10.26 -5.35 -26.56
CA SER D 218 10.09 -5.67 -27.97
C SER D 218 8.98 -4.82 -28.57
N ALA D 219 9.33 -3.99 -29.58
CA ALA D 219 8.43 -3.01 -30.16
C ALA D 219 8.42 -3.06 -31.68
N ASP D 220 7.30 -3.57 -32.21
CA ASP D 220 6.96 -3.55 -33.62
C ASP D 220 6.66 -2.09 -33.94
N VAL D 221 7.55 -1.48 -34.75
CA VAL D 221 7.68 -0.03 -34.80
C VAL D 221 6.58 0.60 -35.67
N PHE D 222 6.12 -0.08 -36.74
CA PHE D 222 5.12 0.53 -37.61
C PHE D 222 3.69 0.34 -37.11
N LEU D 223 3.32 -0.87 -36.67
CA LEU D 223 2.00 -1.15 -36.11
C LEU D 223 1.97 -1.08 -34.56
N GLY D 224 3.02 -1.58 -33.91
CA GLY D 224 3.03 -1.62 -32.47
C GLY D 224 3.11 -0.24 -31.84
N VAL D 225 4.23 0.47 -32.02
CA VAL D 225 4.57 1.60 -31.18
C VAL D 225 3.52 2.71 -31.25
N PRO D 226 2.85 2.97 -32.40
CA PRO D 226 1.75 3.93 -32.43
C PRO D 226 0.71 3.63 -31.35
N PHE D 227 0.31 2.36 -31.25
CA PHE D 227 -0.73 1.93 -30.33
C PHE D 227 -0.33 2.08 -28.86
N ASN D 228 0.87 1.60 -28.54
CA ASN D 228 1.43 1.59 -27.20
C ASN D 228 1.68 3.00 -26.65
N ILE D 229 2.17 3.94 -27.50
CA ILE D 229 2.30 5.35 -27.09
C ILE D 229 0.94 5.87 -26.60
N ALA D 230 -0.08 5.71 -27.47
CA ALA D 230 -1.38 6.29 -27.26
C ALA D 230 -1.99 5.58 -26.07
N SER D 231 -1.78 4.27 -26.01
CA SER D 231 -2.33 3.49 -24.92
C SER D 231 -1.77 3.98 -23.58
N TYR D 232 -0.43 4.19 -23.48
CA TYR D 232 0.20 4.57 -22.21
C TYR D 232 -0.10 6.03 -21.86
N ALA D 233 -0.09 6.89 -22.88
CA ALA D 233 -0.49 8.27 -22.68
C ALA D 233 -1.83 8.34 -21.96
N LEU D 234 -2.89 7.74 -22.53
CA LEU D 234 -4.22 7.62 -21.93
C LEU D 234 -4.12 7.14 -20.48
N LEU D 235 -3.39 6.04 -20.24
CA LEU D 235 -3.28 5.56 -18.87
C LEU D 235 -2.79 6.67 -17.96
N THR D 236 -1.68 7.31 -18.34
CA THR D 236 -1.09 8.39 -17.54
C THR D 236 -2.15 9.46 -17.24
N HIS D 237 -2.90 9.88 -18.28
CA HIS D 237 -3.93 10.89 -18.13
C HIS D 237 -5.02 10.42 -17.18
N LEU D 238 -5.46 9.16 -17.34
CA LEU D 238 -6.52 8.60 -16.53
C LEU D 238 -6.12 8.55 -15.06
N ILE D 239 -4.83 8.29 -14.79
CA ILE D 239 -4.30 8.19 -13.41
C ILE D 239 -4.05 9.57 -12.83
N ALA D 240 -3.60 10.53 -13.66
CA ALA D 240 -3.51 11.94 -13.27
C ALA D 240 -4.86 12.45 -12.81
N HIS D 241 -5.89 11.99 -13.50
CA HIS D 241 -7.24 12.43 -13.24
C HIS D 241 -7.63 11.99 -11.83
N GLU D 242 -7.60 10.68 -11.58
CA GLU D 242 -7.92 10.10 -10.29
C GLU D 242 -7.08 10.70 -9.16
N THR D 243 -5.76 10.83 -9.36
CA THR D 243 -4.87 11.27 -8.31
C THR D 243 -4.88 12.79 -8.13
N GLY D 244 -5.68 13.47 -8.94
CA GLY D 244 -5.71 14.92 -8.92
C GLY D 244 -4.34 15.50 -9.22
N LEU D 245 -3.87 15.30 -10.44
CA LEU D 245 -2.54 15.74 -10.82
C LEU D 245 -2.57 16.16 -12.29
N GLU D 246 -1.55 16.94 -12.71
CA GLU D 246 -1.33 17.35 -14.08
C GLU D 246 -0.41 16.37 -14.81
N VAL D 247 -0.53 16.32 -16.13
CA VAL D 247 0.34 15.45 -16.88
C VAL D 247 1.75 16.02 -16.93
N GLY D 248 2.72 15.10 -16.88
CA GLY D 248 4.10 15.42 -17.18
C GLY D 248 4.48 14.80 -18.51
N GLU D 249 5.54 13.96 -18.46
CA GLU D 249 6.09 13.29 -19.63
C GLU D 249 5.83 11.80 -19.55
N PHE D 250 5.54 11.24 -20.74
CA PHE D 250 5.64 9.82 -21.02
C PHE D 250 7.02 9.53 -21.60
N VAL D 251 7.76 8.62 -20.99
CA VAL D 251 9.03 8.19 -21.57
C VAL D 251 8.93 6.75 -22.05
N HIS D 252 9.12 6.56 -23.34
CA HIS D 252 9.03 5.22 -23.88
C HIS D 252 10.44 4.68 -24.08
N THR D 253 10.82 3.59 -23.38
CA THR D 253 12.14 2.95 -23.49
C THR D 253 12.03 1.58 -24.14
N LEU D 254 12.89 1.26 -25.12
CA LEU D 254 12.77 -0.02 -25.81
C LEU D 254 14.04 -0.84 -25.75
N GLY D 255 13.85 -2.16 -25.69
CA GLY D 255 14.91 -3.12 -25.94
C GLY D 255 15.11 -3.27 -27.43
N ASP D 256 14.64 -4.40 -27.99
CA ASP D 256 14.63 -4.65 -29.41
C ASP D 256 13.47 -3.90 -30.03
N ALA D 257 13.78 -2.80 -30.71
CA ALA D 257 12.84 -2.06 -31.54
C ALA D 257 13.16 -2.39 -33.00
N HIS D 258 12.12 -2.72 -33.75
CA HIS D 258 12.39 -3.30 -35.05
C HIS D 258 11.28 -2.92 -36.01
N LEU D 259 11.68 -2.83 -37.28
CA LEU D 259 10.75 -2.67 -38.38
C LEU D 259 10.58 -4.02 -39.03
N TYR D 260 9.34 -4.43 -39.28
CA TYR D 260 9.14 -5.63 -40.07
C TYR D 260 9.40 -5.33 -41.54
N GLN D 261 10.11 -6.23 -42.22
CA GLN D 261 10.61 -5.95 -43.56
C GLN D 261 9.46 -5.61 -44.49
N ASN D 262 8.27 -6.18 -44.22
CA ASN D 262 7.11 -5.89 -45.05
C ASN D 262 6.45 -4.58 -44.60
N HIS D 263 7.15 -3.80 -43.76
CA HIS D 263 6.71 -2.48 -43.31
C HIS D 263 7.61 -1.34 -43.77
N VAL D 264 8.74 -1.63 -44.43
CA VAL D 264 9.71 -0.61 -44.82
C VAL D 264 9.06 0.49 -45.66
N GLU D 265 8.23 0.10 -46.64
CA GLU D 265 7.59 0.99 -47.60
C GLU D 265 6.60 1.91 -46.87
N GLN D 266 5.82 1.29 -45.97
CA GLN D 266 4.84 1.98 -45.15
C GLN D 266 5.55 3.05 -44.33
N MET D 267 6.71 2.69 -43.75
CA MET D 267 7.50 3.58 -42.90
C MET D 267 8.15 4.68 -43.73
N GLN D 268 8.43 4.39 -45.01
CA GLN D 268 8.98 5.34 -45.96
C GLN D 268 7.94 6.39 -46.35
N GLU D 269 6.73 5.93 -46.70
CA GLU D 269 5.60 6.78 -47.07
C GLU D 269 5.21 7.67 -45.90
N GLN D 270 5.19 7.07 -44.71
CA GLN D 270 4.88 7.80 -43.50
C GLN D 270 5.88 8.94 -43.27
N LEU D 271 7.16 8.69 -43.57
CA LEU D 271 8.23 9.65 -43.30
C LEU D 271 8.23 10.81 -44.31
N SER D 272 7.48 10.68 -45.39
CA SER D 272 7.46 11.70 -46.43
C SER D 272 6.29 12.68 -46.22
N ARG D 273 5.48 12.45 -45.17
CA ARG D 273 4.30 13.27 -44.86
C ARG D 273 4.62 14.26 -43.74
N GLU D 274 3.94 15.42 -43.75
CA GLU D 274 4.21 16.54 -42.86
C GLU D 274 3.44 16.35 -41.56
N VAL D 275 4.12 16.59 -40.43
CA VAL D 275 3.53 16.44 -39.10
C VAL D 275 2.40 17.47 -38.98
N ARG D 276 1.33 17.10 -38.27
CA ARG D 276 0.28 18.08 -37.94
C ARG D 276 0.21 18.23 -36.42
N SER D 277 -0.80 18.98 -35.96
CA SER D 277 -1.04 19.18 -34.54
C SER D 277 -1.53 17.90 -33.85
N PHE D 278 -0.89 17.53 -32.73
CA PHE D 278 -1.43 16.49 -31.85
C PHE D 278 -2.88 16.84 -31.47
N PRO D 279 -3.77 15.82 -31.30
CA PRO D 279 -5.15 16.06 -30.88
C PRO D 279 -5.16 16.48 -29.41
N THR D 280 -6.37 16.61 -28.84
CA THR D 280 -6.56 16.97 -27.44
C THR D 280 -7.52 15.94 -26.82
N LEU D 281 -7.18 15.44 -25.60
CA LEU D 281 -7.93 14.41 -24.90
C LEU D 281 -8.98 15.06 -24.01
N VAL D 282 -10.27 14.73 -24.23
CA VAL D 282 -11.28 15.24 -23.30
C VAL D 282 -11.87 14.07 -22.51
N LEU D 283 -11.71 14.14 -21.17
CA LEU D 283 -12.17 13.15 -20.21
C LEU D 283 -13.43 13.64 -19.49
N ASN D 284 -14.30 12.67 -19.20
CA ASN D 284 -15.52 12.93 -18.45
C ASN D 284 -15.16 13.20 -16.99
N PRO D 285 -15.18 14.48 -16.56
CA PRO D 285 -14.64 14.85 -15.24
C PRO D 285 -15.45 14.31 -14.07
N ASP D 286 -16.61 13.72 -14.38
CA ASP D 286 -17.53 13.23 -13.37
C ASP D 286 -17.09 11.86 -12.86
N LYS D 287 -16.10 11.26 -13.54
CA LYS D 287 -15.64 9.91 -13.23
C LYS D 287 -14.48 9.96 -12.24
N ALA D 288 -14.66 9.30 -11.08
CA ALA D 288 -13.79 9.47 -9.93
C ALA D 288 -12.54 8.61 -10.07
N SER D 289 -12.72 7.33 -10.39
CA SER D 289 -11.63 6.36 -10.36
C SER D 289 -11.27 5.93 -11.77
N VAL D 290 -10.04 5.43 -11.91
CA VAL D 290 -9.52 4.92 -13.17
C VAL D 290 -10.43 3.80 -13.67
N PHE D 291 -10.90 2.94 -12.75
CA PHE D 291 -11.74 1.79 -13.05
C PHE D 291 -13.21 2.13 -13.39
N ASP D 292 -13.57 3.42 -13.31
CA ASP D 292 -14.93 3.86 -13.51
C ASP D 292 -15.20 4.10 -14.99
N PHE D 293 -14.12 4.33 -15.77
CA PHE D 293 -14.19 4.88 -17.12
C PHE D 293 -14.69 3.86 -18.13
N ASP D 294 -15.74 4.23 -18.89
CA ASP D 294 -16.22 3.46 -20.04
C ASP D 294 -15.79 4.15 -21.33
N MET D 295 -16.26 3.63 -22.47
CA MET D 295 -15.80 4.04 -23.79
C MET D 295 -16.15 5.50 -24.06
N GLU D 296 -17.37 5.92 -23.71
CA GLU D 296 -17.91 7.24 -24.10
C GLU D 296 -17.42 8.33 -23.15
N ASP D 297 -16.68 7.94 -22.11
CA ASP D 297 -16.14 8.85 -21.13
C ASP D 297 -14.80 9.42 -21.63
N ILE D 298 -14.20 8.75 -22.61
CA ILE D 298 -12.89 9.13 -23.15
C ILE D 298 -13.10 9.51 -24.62
N LYS D 299 -12.71 10.73 -25.00
CA LYS D 299 -12.84 11.17 -26.38
C LYS D 299 -11.60 11.95 -26.78
N VAL D 300 -11.39 12.06 -28.10
CA VAL D 300 -10.29 12.85 -28.63
C VAL D 300 -10.81 13.91 -29.63
N GLU D 301 -10.31 15.15 -29.46
CA GLU D 301 -10.83 16.30 -30.17
C GLU D 301 -9.71 17.05 -30.89
N GLY D 302 -9.84 17.23 -32.22
CA GLY D 302 -8.90 18.00 -33.01
C GLY D 302 -8.06 17.11 -33.90
N TYR D 303 -8.43 15.84 -34.02
CA TYR D 303 -7.60 14.84 -34.67
C TYR D 303 -7.79 14.92 -36.17
N ASP D 304 -6.79 15.49 -36.87
CA ASP D 304 -6.91 15.70 -38.32
C ASP D 304 -5.81 14.96 -39.07
N PRO D 305 -5.71 13.61 -38.96
CA PRO D 305 -4.55 12.87 -39.49
C PRO D 305 -4.53 12.83 -41.01
N HIS D 306 -3.39 12.39 -41.56
CA HIS D 306 -3.24 12.01 -42.95
C HIS D 306 -3.94 10.67 -43.13
N PRO D 307 -4.11 10.14 -44.37
CA PRO D 307 -4.74 8.83 -44.58
C PRO D 307 -4.10 7.61 -43.90
N THR D 308 -4.93 6.58 -43.73
CA THR D 308 -4.57 5.28 -43.18
C THR D 308 -3.57 4.57 -44.09
N ILE D 309 -2.45 4.08 -43.50
CA ILE D 309 -1.48 3.19 -44.14
C ILE D 309 -1.57 1.76 -43.57
N LYS D 310 -2.01 0.81 -44.40
CA LYS D 310 -2.20 -0.56 -43.97
C LYS D 310 -0.89 -1.36 -44.12
N ALA D 311 -0.79 -2.44 -43.34
CA ALA D 311 0.33 -3.37 -43.47
C ALA D 311 -0.01 -4.68 -42.76
N PRO D 312 0.56 -5.86 -43.14
CA PRO D 312 0.18 -7.12 -42.50
C PRO D 312 0.77 -7.25 -41.09
N ILE D 313 0.04 -7.95 -40.20
CA ILE D 313 0.53 -8.14 -38.85
C ILE D 313 1.41 -9.39 -38.80
N ALA D 314 2.55 -9.30 -38.11
CA ALA D 314 3.42 -10.45 -37.90
C ALA D 314 2.87 -11.38 -36.81
N VAL D 315 2.17 -12.43 -37.25
CA VAL D 315 1.53 -13.35 -36.33
C VAL D 315 2.57 -14.35 -35.82
#